data_5YJY
#
_entry.id   5YJY
#
_cell.length_a   69.854
_cell.length_b   115.795
_cell.length_c   166.499
_cell.angle_alpha   90.00
_cell.angle_beta   90.00
_cell.angle_gamma   90.00
#
_symmetry.space_group_name_H-M   'P 21 21 21'
#
loop_
_entity.id
_entity.type
_entity.pdbx_description
1 polymer 'Rotenone-insensitive NADH-ubiquinone oxidoreductase, mitochondrial'
2 polymer 'Rotenone-insensitive NADH-ubiquinone oxidoreductase, mitochondrial'
3 non-polymer 'FLAVIN-ADENINE DINUCLEOTIDE'
4 non-polymer 'MAGNESIUM ION'
5 non-polymer 2-dodecyl-1-oxidanidyl-quinolin-1-ium-4-ol
6 non-polymer '2-(N-MORPHOLINO)-ETHANESULFONIC ACID'
#
loop_
_entity_poly.entity_id
_entity_poly.type
_entity_poly.pdbx_seq_one_letter_code
_entity_poly.pdbx_strand_id
1 'polypeptide(L)'
;GVENSGAGPTSFKTMKVIDPQHSDKPNVLILGSGWGAISFLKHIDTKKYNVSIISPRSYFLFTPLLPSAPVGTVDEKSII
EPIVNFALKKKGNVTYYEAEATSINPDRNTVTIKSLSAVSQLYQPENHLGLHQAEPAEIKYDYLISAVGAEPNTFGIPGV
TDYGHFLKEIPNSLEIRRTFAANLEKANLLPKGDPERRRLLSIVVVGGGPTGVEAAGELQDYVHQDLRKFLPALAEEVQI
HLVEALPIVLNMFEKKLSSYAQSHLENTSIKVHLRTAVAKVEEKQLLAKTKHEDGKITEETIPYGTLIWATGNKARPVIT
DLFKKIPEQNSSKRGLAVNDFLQVKGSNNIFAIGDNAFAGLPPTAQVAHQEAEYLAKNFDKMAQIPNFQKNLSSRKDKID
LLFEENNFKPFKYNDLGALAYLGSERAIATIRSGKRTFYTGGGLMTFYLWRILYLSMILSARSRLKVFFDWIKLAFFKRD
FFKGL
;
A
2 'polypeptide(L)'
;TGVENSGAGPTSFKTMKVIDPQHSDKPNVLILGSGWGAISFLKHIDTKKYNVSIISPRSYFLFTPLLPSAPVGTVDEKSI
IEPIVNFALKKKGNVTYYEAEATSINPDRNTVTIKSLSAVSQLYQPENHLGLHQAEPAEIKYDYLISAVGAEPNTFGIPG
VTDYGHFLKEIPNSLEIRRTFAANLEKANLLPKGDPERRRLLSIVVVGGGPTGVEAAGELQDYVHQDLRKFLPALAEEVQ
IHLVEALPIVLNMFEKKLSSYAQSHLENTSIKVHLRTAVAKVEEKQLLAKTKHEDGKITEETIPYGTLIWATGNKARPVI
TDLFKKIPEQNSSKRGLAVNDFLQVKGSNNIFAIGDNAFAGLPPTAQVAHQEAEYLAKNFDKMAQIPNFQKNLSSRKDKI
DLLFEENNFKPFKYNDLGALAYLGSERAIATIRSGKRTFYTGGGLMTFYLWRILYLSMILSARSRLKVFFDWIKLAFFKR
DFFKGL
;
B
#
# COMPACT_ATOMS: atom_id res chain seq x y z
N GLY A 1 25.14 -16.18 14.57
CA GLY A 1 24.39 -16.83 13.45
C GLY A 1 24.13 -18.30 13.73
N VAL A 2 22.96 -18.78 13.30
CA VAL A 2 22.46 -20.16 13.53
C VAL A 2 21.81 -20.38 14.93
N GLU A 3 21.95 -19.40 15.82
CA GLU A 3 21.66 -19.54 17.26
C GLU A 3 20.27 -18.99 17.64
N ASN A 4 20.02 -18.80 18.94
CA ASN A 4 18.85 -18.03 19.43
C ASN A 4 19.28 -16.70 20.08
N SER A 5 18.47 -15.65 19.90
CA SER A 5 18.83 -14.28 20.36
C SER A 5 17.67 -13.47 21.00
N GLY A 6 17.91 -12.18 21.28
CA GLY A 6 16.90 -11.26 21.86
C GLY A 6 16.42 -10.11 20.96
N ALA A 7 16.60 -10.27 19.64
CA ALA A 7 16.17 -9.30 18.60
C ALA A 7 15.15 -9.88 17.62
N GLY A 8 14.43 -9.00 16.92
CA GLY A 8 13.28 -9.38 16.07
C GLY A 8 13.57 -10.11 14.77
N PRO A 9 12.50 -10.63 14.12
CA PRO A 9 12.59 -11.69 13.11
C PRO A 9 13.51 -11.36 11.95
N THR A 10 13.29 -10.20 11.34
CA THR A 10 14.12 -9.68 10.25
C THR A 10 15.60 -9.78 10.51
N SER A 11 15.95 -10.13 11.73
CA SER A 11 17.30 -10.52 12.01
C SER A 11 17.83 -11.41 10.90
N PHE A 12 18.83 -10.92 10.19
CA PHE A 12 19.47 -11.72 9.18
C PHE A 12 20.96 -11.51 9.24
N LYS A 13 21.65 -12.46 8.61
CA LYS A 13 23.02 -12.26 8.21
C LYS A 13 23.15 -12.78 6.80
N THR A 14 24.16 -12.29 6.10
CA THR A 14 24.52 -12.83 4.81
C THR A 14 25.69 -13.80 5.00
N MET A 15 25.57 -14.98 4.39
CA MET A 15 26.69 -15.89 4.19
C MET A 15 27.25 -15.59 2.79
N LYS A 16 28.16 -14.62 2.72
CA LYS A 16 28.79 -14.19 1.45
C LYS A 16 30.15 -14.88 1.28
N VAL A 17 30.89 -14.96 2.39
CA VAL A 17 32.02 -15.89 2.53
C VAL A 17 31.75 -16.70 3.83
N ILE A 18 32.79 -17.02 4.59
CA ILE A 18 32.62 -17.63 5.91
C ILE A 18 33.63 -16.98 6.84
N ASP A 19 33.33 -16.99 8.14
CA ASP A 19 34.19 -16.41 9.16
C ASP A 19 35.09 -17.52 9.74
N PRO A 20 36.27 -17.14 10.28
CA PRO A 20 36.99 -18.06 11.15
C PRO A 20 36.36 -18.02 12.54
N GLN A 21 35.79 -19.13 13.02
CA GLN A 21 35.02 -19.14 14.27
C GLN A 21 35.66 -18.23 15.31
N HIS A 22 36.91 -18.56 15.69
CA HIS A 22 37.75 -17.70 16.52
C HIS A 22 38.29 -16.57 15.62
N SER A 23 37.67 -15.37 15.66
CA SER A 23 37.95 -14.29 14.66
C SER A 23 38.68 -13.04 15.24
N ASP A 24 39.21 -12.18 14.35
CA ASP A 24 39.99 -11.00 14.76
C ASP A 24 39.73 -9.68 13.99
N LYS A 25 39.24 -9.75 12.73
CA LYS A 25 38.77 -8.52 12.05
C LYS A 25 37.92 -7.77 13.05
N PRO A 26 38.31 -6.54 13.44
CA PRO A 26 37.46 -5.84 14.41
C PRO A 26 35.98 -5.82 13.97
N ASN A 27 35.07 -5.87 14.94
CA ASN A 27 33.64 -5.90 14.62
C ASN A 27 32.92 -4.63 15.02
N VAL A 28 32.23 -4.06 14.03
CA VAL A 28 31.68 -2.72 14.11
C VAL A 28 30.16 -2.76 14.24
N LEU A 29 29.65 -1.91 15.13
CA LEU A 29 28.24 -1.85 15.39
C LEU A 29 27.69 -0.51 14.90
N ILE A 30 26.78 -0.65 13.96
CA ILE A 30 26.10 0.45 13.38
C ILE A 30 24.75 0.49 14.04
N LEU A 31 24.41 1.65 14.60
CA LEU A 31 23.04 1.90 15.08
C LEU A 31 22.22 2.71 14.08
N GLY A 32 21.14 2.11 13.61
CA GLY A 32 20.23 2.78 12.71
C GLY A 32 20.15 2.09 11.37
N SER A 33 19.19 2.49 10.56
CA SER A 33 19.06 1.99 9.22
C SER A 33 18.77 3.14 8.25
N GLY A 34 19.20 4.35 8.61
CA GLY A 34 18.84 5.55 7.89
C GLY A 34 20.02 6.21 7.22
N TRP A 35 19.85 7.50 7.05
CA TRP A 35 20.79 8.34 6.29
C TRP A 35 22.29 8.20 6.62
N GLY A 36 22.62 8.01 7.89
CA GLY A 36 24.01 7.82 8.27
C GLY A 36 24.37 6.36 8.13
N ALA A 37 23.69 5.54 8.93
CA ALA A 37 23.98 4.12 9.03
C ALA A 37 24.03 3.46 7.67
N ILE A 38 23.10 3.82 6.81
CA ILE A 38 23.04 3.16 5.54
C ILE A 38 24.14 3.68 4.67
N SER A 39 24.37 4.98 4.69
CA SER A 39 25.45 5.48 3.87
C SER A 39 26.80 4.99 4.40
N PHE A 40 27.00 5.01 5.71
CA PHE A 40 28.17 4.36 6.27
C PHE A 40 28.30 2.90 5.81
N LEU A 41 27.23 2.12 5.88
CA LEU A 41 27.21 0.78 5.32
C LEU A 41 27.66 0.72 3.88
N LYS A 42 27.47 1.80 3.13
CA LYS A 42 27.86 1.81 1.72
C LYS A 42 29.36 1.96 1.56
N HIS A 43 29.94 2.90 2.28
CA HIS A 43 31.35 3.23 2.11
C HIS A 43 32.30 2.48 3.06
N ILE A 44 31.80 1.58 3.90
CA ILE A 44 32.67 0.84 4.83
C ILE A 44 33.25 -0.42 4.17
N ASP A 45 34.51 -0.74 4.49
CA ASP A 45 35.13 -1.97 3.97
C ASP A 45 34.61 -3.18 4.71
N THR A 46 33.86 -3.99 3.99
CA THR A 46 33.19 -5.13 4.58
C THR A 46 34.11 -6.33 4.73
N LYS A 47 35.35 -6.23 4.27
CA LYS A 47 36.35 -7.31 4.40
C LYS A 47 37.23 -7.14 5.62
N LYS A 48 37.87 -5.98 5.74
CA LYS A 48 38.77 -5.73 6.89
C LYS A 48 38.03 -5.79 8.24
N TYR A 49 36.75 -5.42 8.23
CA TYR A 49 35.88 -5.53 9.40
C TYR A 49 34.62 -6.33 9.08
N ASN A 50 34.16 -7.15 10.04
CA ASN A 50 32.76 -7.65 9.99
C ASN A 50 31.84 -6.68 10.75
N VAL A 51 30.57 -6.63 10.34
CA VAL A 51 29.70 -5.50 10.71
C VAL A 51 28.25 -5.89 11.02
N SER A 52 27.79 -5.47 12.20
CA SER A 52 26.40 -5.70 12.61
C SER A 52 25.62 -4.42 12.68
N ILE A 53 24.35 -4.51 12.29
CA ILE A 53 23.42 -3.38 12.29
C ILE A 53 22.22 -3.60 13.24
N ILE A 54 21.98 -2.57 14.05
CA ILE A 54 20.84 -2.53 14.94
C ILE A 54 19.92 -1.33 14.61
N SER A 55 18.70 -1.66 14.18
CA SER A 55 17.62 -0.71 14.07
C SER A 55 16.35 -1.50 14.04
N PRO A 56 15.31 -0.98 14.68
CA PRO A 56 14.07 -1.71 14.56
C PRO A 56 13.43 -1.53 13.19
N ARG A 57 14.05 -0.74 12.30
CA ARG A 57 13.61 -0.61 10.92
C ARG A 57 14.53 -1.29 9.90
N SER A 58 13.93 -2.25 9.18
CA SER A 58 14.55 -3.12 8.15
C SER A 58 14.54 -2.53 6.73
N TYR A 59 13.87 -1.42 6.54
CA TYR A 59 14.08 -0.72 5.34
C TYR A 59 14.89 0.53 5.66
N PHE A 60 15.25 1.25 4.61
CA PHE A 60 15.82 2.56 4.68
C PHE A 60 14.78 3.53 4.12
N LEU A 61 14.70 4.71 4.71
CA LEU A 61 13.70 5.67 4.33
C LEU A 61 14.31 6.93 3.68
N PHE A 62 14.01 7.17 2.41
CA PHE A 62 14.46 8.40 1.72
C PHE A 62 13.63 9.60 2.16
N THR A 63 14.01 10.20 3.27
CA THR A 63 13.15 11.21 3.88
C THR A 63 12.72 12.40 2.99
N PRO A 64 13.56 12.84 2.05
CA PRO A 64 13.19 14.06 1.36
C PRO A 64 11.90 13.92 0.62
N LEU A 65 11.64 12.72 0.12
CA LEU A 65 10.37 12.48 -0.56
C LEU A 65 9.21 12.17 0.35
N LEU A 66 9.49 11.84 1.61
CA LEU A 66 8.46 11.42 2.56
C LEU A 66 7.10 12.15 2.49
N PRO A 67 7.13 13.51 2.50
CA PRO A 67 5.88 14.22 2.70
C PRO A 67 4.97 14.13 1.49
N SER A 68 5.54 13.62 0.40
CA SER A 68 4.85 13.53 -0.87
C SER A 68 4.12 12.23 -1.02
N ALA A 69 4.28 11.33 -0.06
CA ALA A 69 3.62 10.03 -0.12
C ALA A 69 2.20 10.10 0.42
N PRO A 70 1.99 10.89 1.48
CA PRO A 70 0.67 10.93 2.09
C PRO A 70 -0.46 11.34 1.20
N VAL A 71 -0.21 11.98 0.05
CA VAL A 71 -1.32 12.26 -0.87
C VAL A 71 -1.19 11.37 -2.06
N GLY A 72 -0.29 10.41 -1.96
CA GLY A 72 -0.10 9.45 -3.02
C GLY A 72 0.40 10.07 -4.31
N THR A 73 1.12 11.18 -4.19
CA THR A 73 2.08 11.61 -5.21
C THR A 73 3.12 10.50 -5.36
N VAL A 74 3.46 9.87 -4.24
CA VAL A 74 4.41 8.77 -4.22
C VAL A 74 3.87 7.63 -3.29
N ASP A 75 4.06 6.38 -3.71
CA ASP A 75 3.71 5.28 -2.86
C ASP A 75 4.85 5.13 -1.90
N GLU A 76 4.52 4.59 -0.73
CA GLU A 76 5.50 4.41 0.31
C GLU A 76 6.46 3.27 -0.06
N LYS A 77 6.11 2.45 -1.03
CA LYS A 77 7.06 1.46 -1.51
C LYS A 77 8.15 2.08 -2.38
N SER A 78 7.78 3.14 -3.08
CA SER A 78 8.70 3.82 -3.98
C SER A 78 9.88 4.43 -3.26
N ILE A 79 9.69 4.89 -2.03
CA ILE A 79 10.72 5.70 -1.42
C ILE A 79 11.54 5.03 -0.31
N ILE A 80 11.47 3.71 -0.27
CA ILE A 80 12.17 2.99 0.76
C ILE A 80 12.84 1.79 0.12
N GLU A 81 13.88 1.27 0.79
CA GLU A 81 14.60 0.07 0.32
C GLU A 81 15.17 -0.71 1.49
N PRO A 82 14.98 -2.03 1.50
CA PRO A 82 15.35 -2.74 2.71
C PRO A 82 16.83 -2.98 2.83
N ILE A 83 17.36 -2.57 3.98
CA ILE A 83 18.76 -2.74 4.35
C ILE A 83 19.40 -3.84 3.57
N VAL A 84 18.77 -5.00 3.61
CA VAL A 84 19.36 -6.19 3.01
C VAL A 84 19.97 -5.87 1.64
N ASN A 85 19.17 -5.31 0.76
CA ASN A 85 19.61 -5.02 -0.58
C ASN A 85 20.82 -4.09 -0.62
N PHE A 86 21.18 -3.55 0.53
CA PHE A 86 22.41 -2.80 0.69
C PHE A 86 23.51 -3.77 1.11
N ALA A 87 23.22 -4.57 2.14
CA ALA A 87 24.21 -5.51 2.69
C ALA A 87 24.51 -6.73 1.79
N LEU A 88 23.62 -6.97 0.82
CA LEU A 88 23.87 -7.98 -0.20
C LEU A 88 24.90 -7.44 -1.13
N LYS A 89 24.75 -6.17 -1.49
CA LYS A 89 25.74 -5.54 -2.32
C LYS A 89 27.12 -5.68 -1.66
N LYS A 90 27.19 -5.42 -0.35
CA LYS A 90 28.45 -5.36 0.34
C LYS A 90 29.27 -6.64 0.23
N LYS A 91 30.59 -6.43 0.30
CA LYS A 91 31.59 -7.49 0.02
C LYS A 91 31.58 -8.61 1.05
N GLY A 92 32.17 -8.38 2.21
CA GLY A 92 32.12 -9.33 3.33
C GLY A 92 30.76 -9.57 3.96
N ASN A 93 30.77 -10.14 5.17
CA ASN A 93 29.56 -10.67 5.83
C ASN A 93 28.94 -9.70 6.82
N VAL A 94 27.65 -9.39 6.64
CA VAL A 94 26.97 -8.34 7.43
C VAL A 94 25.70 -8.84 8.10
N THR A 95 25.40 -8.29 9.28
CA THR A 95 24.28 -8.73 10.08
C THR A 95 23.32 -7.63 10.50
N TYR A 96 22.06 -7.85 10.17
CA TYR A 96 21.04 -6.98 10.69
C TYR A 96 20.35 -7.67 11.83
N TYR A 97 20.72 -7.29 13.05
CA TYR A 97 19.93 -7.59 14.23
C TYR A 97 18.68 -6.73 14.14
N GLU A 98 17.54 -7.37 13.85
CA GLU A 98 16.32 -6.64 13.53
C GLU A 98 15.62 -6.14 14.77
N ALA A 99 16.24 -5.20 15.49
CA ALA A 99 15.69 -4.68 16.75
C ALA A 99 16.19 -3.30 17.11
N GLU A 100 15.65 -2.76 18.20
CA GLU A 100 16.01 -1.40 18.63
C GLU A 100 17.02 -1.40 19.76
N ALA A 101 17.86 -0.38 19.78
CA ALA A 101 18.78 -0.17 20.88
C ALA A 101 18.00 0.23 22.11
N THR A 102 18.61 0.01 23.28
CA THR A 102 17.94 0.27 24.56
C THR A 102 18.88 0.82 25.61
N SER A 103 20.07 0.24 25.75
CA SER A 103 21.15 0.98 26.38
C SER A 103 22.50 0.73 25.77
N ILE A 104 23.26 1.82 25.74
CA ILE A 104 24.67 1.78 25.41
C ILE A 104 25.39 1.51 26.73
N ASN A 105 26.29 0.53 26.68
CA ASN A 105 27.12 0.16 27.82
C ASN A 105 28.58 0.46 27.42
N PRO A 106 29.00 1.72 27.57
CA PRO A 106 30.33 2.11 27.09
C PRO A 106 31.44 1.43 27.88
N ASP A 107 31.28 1.39 29.20
CA ASP A 107 32.28 0.77 30.07
C ASP A 107 32.24 -0.72 29.86
N ARG A 108 31.06 -1.32 30.00
CA ARG A 108 30.92 -2.75 29.73
C ARG A 108 31.10 -3.13 28.24
N ASN A 109 31.26 -2.13 27.38
CA ASN A 109 31.60 -2.34 25.95
C ASN A 109 30.64 -3.24 25.14
N THR A 110 29.35 -3.15 25.46
CA THR A 110 28.31 -3.74 24.64
C THR A 110 27.13 -2.77 24.57
N VAL A 111 26.23 -3.01 23.62
CA VAL A 111 24.99 -2.24 23.51
C VAL A 111 23.80 -3.15 23.75
N THR A 112 23.04 -2.79 24.77
CA THR A 112 21.92 -3.58 25.22
C THR A 112 20.76 -3.30 24.32
N ILE A 113 20.02 -4.34 23.96
CA ILE A 113 18.98 -4.18 22.96
C ILE A 113 17.75 -4.97 23.30
N LYS A 114 16.60 -4.46 22.91
CA LYS A 114 15.37 -5.20 23.04
C LYS A 114 14.65 -5.04 21.74
N SER A 115 13.83 -6.02 21.43
CA SER A 115 12.97 -5.96 20.28
C SER A 115 11.55 -5.98 20.77
N LEU A 116 10.67 -5.25 20.08
CA LEU A 116 9.21 -5.52 20.20
C LEU A 116 8.85 -6.83 19.46
N SER A 117 9.87 -7.68 19.23
CA SER A 117 9.72 -9.11 18.94
C SER A 117 10.92 -9.91 19.57
N ALA A 118 10.88 -10.13 20.89
CA ALA A 118 12.02 -10.70 21.65
C ALA A 118 11.73 -12.07 22.24
N PRO A 136 18.46 -10.44 29.16
CA PRO A 136 18.76 -9.02 29.01
C PRO A 136 19.91 -8.79 28.00
N ALA A 137 19.59 -8.82 26.71
CA ALA A 137 20.60 -8.92 25.63
C ALA A 137 21.54 -7.70 25.47
N GLU A 138 22.86 -7.95 25.60
CA GLU A 138 23.92 -7.00 25.16
C GLU A 138 24.43 -7.47 23.79
N ILE A 139 25.22 -6.65 23.10
CA ILE A 139 25.87 -7.08 21.85
C ILE A 139 27.28 -6.51 21.79
N LYS A 140 28.22 -7.33 21.32
CA LYS A 140 29.64 -6.96 21.32
C LYS A 140 29.95 -5.90 20.30
N TYR A 141 30.80 -4.95 20.69
CA TYR A 141 31.33 -4.01 19.74
C TYR A 141 32.74 -3.57 20.08
N ASP A 142 33.63 -3.65 19.09
CA ASP A 142 34.94 -3.04 19.13
C ASP A 142 34.76 -1.54 18.88
N TYR A 143 34.04 -1.22 17.81
CA TYR A 143 33.69 0.19 17.49
C TYR A 143 32.17 0.36 17.36
N LEU A 144 31.71 1.55 17.73
CA LEU A 144 30.28 1.88 17.68
C LEU A 144 30.01 3.09 16.82
N ILE A 145 29.13 2.91 15.85
CA ILE A 145 28.67 3.99 15.01
C ILE A 145 27.22 4.27 15.39
N SER A 146 26.97 5.44 15.99
CA SER A 146 25.65 5.78 16.50
C SER A 146 24.95 6.67 15.49
N ALA A 147 23.91 6.13 14.86
CA ALA A 147 23.21 6.83 13.78
C ALA A 147 21.73 6.63 13.88
N VAL A 148 21.20 6.64 15.11
CA VAL A 148 19.79 6.37 15.31
C VAL A 148 18.99 7.61 15.00
N GLY A 149 19.66 8.74 14.98
CA GLY A 149 18.96 9.92 14.66
C GLY A 149 18.10 10.34 15.82
N ALA A 150 17.17 11.24 15.54
CA ALA A 150 16.41 11.85 16.59
C ALA A 150 14.96 11.97 16.19
N GLU A 151 14.14 12.03 17.22
CA GLU A 151 12.71 12.08 17.10
C GLU A 151 12.36 13.56 17.01
N PRO A 152 11.05 13.88 16.88
CA PRO A 152 10.67 15.26 16.75
C PRO A 152 10.33 15.88 18.09
N ASN A 153 10.28 17.20 18.13
CA ASN A 153 9.94 17.87 19.36
C ASN A 153 8.60 18.62 19.41
N THR A 154 7.81 18.19 20.39
CA THR A 154 6.61 18.85 20.79
C THR A 154 6.87 20.14 21.55
N PHE A 155 7.93 20.15 22.35
CA PHE A 155 8.22 21.25 23.27
C PHE A 155 7.17 21.27 24.37
N GLY A 156 6.84 20.07 24.88
CA GLY A 156 5.76 19.90 25.85
C GLY A 156 4.50 20.72 25.63
N ILE A 157 4.23 21.09 24.38
CA ILE A 157 3.03 21.84 24.10
C ILE A 157 1.92 20.82 24.15
N PRO A 158 1.07 20.89 25.18
CA PRO A 158 0.21 19.77 25.54
C PRO A 158 -0.84 19.45 24.49
N GLY A 159 -1.06 18.14 24.27
CA GLY A 159 -2.04 17.64 23.32
C GLY A 159 -1.45 17.14 22.02
N VAL A 160 -0.28 17.66 21.64
CA VAL A 160 0.30 17.39 20.34
C VAL A 160 0.39 15.89 20.12
N THR A 161 1.15 15.23 20.98
CA THR A 161 1.14 13.78 21.06
C THR A 161 -0.22 13.21 20.76
N ASP A 162 -1.21 13.53 21.58
CA ASP A 162 -2.54 12.95 21.47
C ASP A 162 -3.19 13.23 20.12
N TYR A 163 -3.32 14.48 19.72
CA TYR A 163 -4.04 14.80 18.50
C TYR A 163 -3.18 14.99 17.27
N GLY A 164 -1.87 14.89 17.44
CA GLY A 164 -0.98 15.32 16.39
C GLY A 164 -0.63 14.23 15.42
N HIS A 165 0.10 14.63 14.40
CA HIS A 165 0.65 13.70 13.48
C HIS A 165 2.03 14.12 13.13
N PHE A 166 2.99 13.31 13.56
CA PHE A 166 4.35 13.54 13.12
C PHE A 166 4.45 13.13 11.67
N LEU A 167 5.61 13.38 11.10
CA LEU A 167 5.84 13.13 9.69
C LEU A 167 7.29 12.77 9.52
N LYS A 168 7.61 11.55 9.95
CA LYS A 168 8.98 11.14 10.15
C LYS A 168 9.19 9.74 9.61
N GLU A 169 8.14 8.92 9.57
CA GLU A 169 8.29 7.56 9.11
C GLU A 169 7.08 7.15 8.39
N ILE A 170 7.23 6.07 7.67
CA ILE A 170 6.21 5.65 6.75
C ILE A 170 4.83 5.56 7.38
N PRO A 171 4.70 4.94 8.55
CA PRO A 171 3.46 4.93 9.30
C PRO A 171 2.79 6.27 9.32
N ASN A 172 3.52 7.31 9.64
CA ASN A 172 2.94 8.62 9.63
C ASN A 172 2.32 8.98 8.30
N SER A 173 2.95 8.53 7.21
CA SER A 173 2.40 8.81 5.89
C SER A 173 1.05 8.13 5.70
N LEU A 174 0.94 6.92 6.24
CA LEU A 174 -0.33 6.22 6.24
C LEU A 174 -1.30 6.83 7.24
N GLU A 175 -0.84 7.06 8.48
CA GLU A 175 -1.66 7.66 9.54
C GLU A 175 -2.36 8.93 9.09
N ILE A 176 -1.66 9.80 8.38
CA ILE A 176 -2.23 11.09 8.02
C ILE A 176 -3.24 10.98 6.92
N ARG A 177 -2.98 10.12 5.93
CA ARG A 177 -3.90 9.92 4.80
C ARG A 177 -5.22 9.43 5.33
N ARG A 178 -5.10 8.35 6.12
CA ARG A 178 -6.15 7.89 7.03
C ARG A 178 -6.85 9.15 7.49
N THR A 179 -6.40 9.73 8.59
CA THR A 179 -7.11 10.87 9.17
C THR A 179 -7.67 11.84 8.12
N PHE A 180 -6.87 12.29 7.14
CA PHE A 180 -7.38 13.30 6.23
C PHE A 180 -8.61 12.77 5.55
N ALA A 181 -8.49 11.67 4.83
CA ALA A 181 -9.64 11.17 4.07
C ALA A 181 -10.90 11.14 4.93
N ALA A 182 -10.80 10.43 6.04
CA ALA A 182 -11.93 10.18 6.93
C ALA A 182 -12.64 11.44 7.34
N ASN A 183 -11.90 12.53 7.43
CA ASN A 183 -12.53 13.82 7.52
C ASN A 183 -13.21 14.13 6.20
N LEU A 184 -12.43 14.36 5.16
CA LEU A 184 -13.00 14.53 3.84
C LEU A 184 -14.32 13.78 3.68
N GLU A 185 -14.37 12.52 4.07
CA GLU A 185 -15.62 11.77 4.00
C GLU A 185 -16.72 12.30 4.91
N LYS A 186 -16.46 12.32 6.22
CA LYS A 186 -17.42 12.84 7.21
C LYS A 186 -17.82 14.23 6.87
N ALA A 187 -16.88 14.93 6.27
CA ALA A 187 -17.07 16.31 5.92
C ALA A 187 -18.06 16.47 4.77
N ASN A 188 -17.98 15.56 3.80
CA ASN A 188 -18.90 15.65 2.68
C ASN A 188 -20.34 15.48 3.06
N LEU A 189 -20.62 14.74 4.13
CA LEU A 189 -21.99 14.38 4.48
C LEU A 189 -22.78 15.47 5.25
N LEU A 190 -22.23 16.67 5.30
CA LEU A 190 -22.92 17.79 5.88
C LEU A 190 -23.07 18.81 4.77
N PRO A 191 -23.70 19.95 5.07
CA PRO A 191 -23.95 20.99 4.07
C PRO A 191 -22.90 22.08 4.06
N LYS A 192 -22.75 22.76 2.93
CA LYS A 192 -21.71 23.80 2.80
C LYS A 192 -21.85 24.88 3.87
N GLY A 193 -23.10 25.24 4.12
CA GLY A 193 -23.46 26.18 5.18
C GLY A 193 -22.95 25.78 6.55
N ASP A 194 -22.78 24.48 6.81
CA ASP A 194 -22.26 24.05 8.10
C ASP A 194 -20.83 24.53 8.19
N PRO A 195 -20.41 24.89 9.43
CA PRO A 195 -19.04 25.28 9.79
C PRO A 195 -18.17 24.12 10.30
N GLU A 196 -18.80 23.09 10.88
CA GLU A 196 -18.08 21.90 11.39
C GLU A 196 -17.46 21.19 10.22
N ARG A 197 -18.26 21.01 9.19
CA ARG A 197 -17.77 20.62 7.90
C ARG A 197 -16.50 21.40 7.61
N ARG A 198 -16.61 22.72 7.58
CA ARG A 198 -15.46 23.55 7.22
C ARG A 198 -14.21 23.32 8.12
N ARG A 199 -14.46 23.04 9.41
CA ARG A 199 -13.43 22.73 10.39
C ARG A 199 -12.78 21.43 10.12
N LEU A 200 -13.59 20.43 9.81
CA LEU A 200 -13.04 19.17 9.42
C LEU A 200 -12.19 19.30 8.15
N LEU A 201 -12.42 20.33 7.33
CA LEU A 201 -11.64 20.47 6.11
C LEU A 201 -10.41 21.34 6.23
N SER A 202 -10.26 21.98 7.38
CA SER A 202 -9.03 22.64 7.74
C SER A 202 -7.89 21.68 8.02
N ILE A 203 -6.67 22.19 7.87
CA ILE A 203 -5.45 21.41 7.94
C ILE A 203 -4.34 22.28 8.48
N VAL A 204 -3.95 22.09 9.74
CA VAL A 204 -2.78 22.80 10.26
C VAL A 204 -1.47 22.00 10.12
N VAL A 205 -0.46 22.66 9.51
CA VAL A 205 0.88 22.09 9.37
C VAL A 205 1.90 22.89 10.16
N VAL A 206 2.11 22.51 11.41
CA VAL A 206 3.01 23.26 12.28
C VAL A 206 4.45 22.96 11.91
N GLY A 207 5.19 23.99 11.54
CA GLY A 207 6.61 23.84 11.23
C GLY A 207 6.88 24.26 9.80
N GLY A 208 7.53 25.42 9.65
CA GLY A 208 7.63 26.13 8.37
C GLY A 208 9.02 26.01 7.80
N GLY A 209 9.69 24.91 8.12
CA GLY A 209 10.85 24.50 7.39
C GLY A 209 10.41 23.72 6.18
N PRO A 210 11.35 23.06 5.50
CA PRO A 210 10.99 22.48 4.20
C PRO A 210 9.90 21.43 4.31
N THR A 211 10.18 20.40 5.09
CA THR A 211 9.24 19.37 5.31
C THR A 211 7.82 19.95 5.42
N GLY A 212 7.51 20.63 6.50
CA GLY A 212 6.18 21.21 6.68
C GLY A 212 5.66 22.00 5.50
N VAL A 213 6.48 22.88 4.96
CA VAL A 213 6.15 23.54 3.73
C VAL A 213 5.82 22.49 2.71
N GLU A 214 6.80 21.68 2.37
CA GLU A 214 6.57 20.62 1.40
C GLU A 214 5.23 19.93 1.70
N ALA A 215 5.03 19.48 2.92
CA ALA A 215 3.76 18.86 3.27
C ALA A 215 2.61 19.77 2.86
N ALA A 216 2.54 20.94 3.46
CA ALA A 216 1.48 21.86 3.14
C ALA A 216 1.24 21.82 1.65
N GLY A 217 2.29 22.15 0.91
CA GLY A 217 2.21 22.33 -0.55
C GLY A 217 1.69 21.12 -1.29
N GLU A 218 2.17 19.96 -0.86
CA GLU A 218 1.72 18.71 -1.43
C GLU A 218 0.21 18.42 -1.16
N LEU A 219 -0.28 18.81 0.00
CA LEU A 219 -1.69 18.69 0.29
C LEU A 219 -2.51 19.66 -0.55
N GLN A 220 -1.87 20.73 -0.98
CA GLN A 220 -2.48 21.66 -1.93
C GLN A 220 -2.46 21.05 -3.33
N ASP A 221 -1.24 20.82 -3.85
CA ASP A 221 -1.08 20.12 -5.10
C ASP A 221 -2.20 19.05 -5.13
N TYR A 222 -2.58 18.46 -3.98
CA TYR A 222 -3.63 17.44 -3.98
C TYR A 222 -5.05 17.95 -4.08
N VAL A 223 -5.46 18.78 -3.15
CA VAL A 223 -6.81 19.31 -3.22
C VAL A 223 -7.05 19.74 -4.66
N HIS A 224 -6.24 20.73 -5.07
CA HIS A 224 -6.25 21.32 -6.40
C HIS A 224 -6.20 20.29 -7.53
N GLN A 225 -5.00 19.79 -7.85
CA GLN A 225 -4.80 18.97 -9.05
C GLN A 225 -5.79 17.80 -9.14
N ASP A 226 -5.92 17.07 -8.04
CA ASP A 226 -6.81 15.92 -7.96
C ASP A 226 -8.16 16.32 -7.39
N LEU A 227 -8.34 16.18 -6.08
CA LEU A 227 -9.66 16.13 -5.44
C LEU A 227 -10.73 16.93 -6.18
N ARG A 228 -10.42 18.19 -6.47
CA ARG A 228 -11.43 19.14 -6.99
C ARG A 228 -12.21 18.55 -8.12
N LYS A 229 -11.52 17.86 -9.03
CA LYS A 229 -12.22 17.08 -10.03
C LYS A 229 -13.35 16.39 -9.29
N PHE A 230 -13.15 15.19 -8.78
CA PHE A 230 -14.31 14.42 -8.30
C PHE A 230 -15.21 15.16 -7.28
N LEU A 231 -14.68 16.08 -6.47
CA LEU A 231 -15.52 16.83 -5.50
C LEU A 231 -14.98 18.25 -5.17
N PRO A 232 -15.53 19.28 -5.87
CA PRO A 232 -15.06 20.67 -5.78
C PRO A 232 -15.77 21.50 -4.71
N ALA A 233 -16.99 21.10 -4.35
CA ALA A 233 -17.71 21.70 -3.22
C ALA A 233 -16.93 21.57 -1.92
N LEU A 234 -16.16 20.48 -1.80
CA LEU A 234 -15.25 20.29 -0.68
C LEU A 234 -14.00 21.10 -0.97
N ALA A 235 -13.34 20.74 -2.08
CA ALA A 235 -12.09 21.39 -2.47
C ALA A 235 -12.07 22.91 -2.31
N GLU A 236 -13.23 23.54 -2.48
CA GLU A 236 -13.32 24.96 -2.26
C GLU A 236 -13.18 25.26 -0.78
N GLU A 237 -13.89 24.49 0.05
CA GLU A 237 -13.94 24.72 1.50
C GLU A 237 -12.71 24.21 2.22
N VAL A 238 -11.80 23.58 1.47
CA VAL A 238 -10.62 23.02 2.09
C VAL A 238 -9.65 24.12 2.47
N GLN A 239 -9.28 24.13 3.76
CA GLN A 239 -8.31 25.07 4.33
C GLN A 239 -6.98 24.41 4.74
N ILE A 240 -5.88 24.98 4.24
CA ILE A 240 -4.53 24.56 4.64
C ILE A 240 -3.77 25.72 5.26
N HIS A 241 -3.33 25.55 6.50
CA HIS A 241 -2.58 26.57 7.25
C HIS A 241 -1.14 26.10 7.49
N LEU A 242 -0.14 26.94 7.16
CA LEU A 242 1.26 26.67 7.59
C LEU A 242 1.64 27.61 8.74
N VAL A 243 2.23 27.09 9.80
CA VAL A 243 2.34 27.86 11.01
C VAL A 243 3.73 27.73 11.57
N GLU A 244 4.36 28.88 11.81
CA GLU A 244 5.80 28.92 12.04
C GLU A 244 6.20 29.98 13.02
N ALA A 245 7.02 29.59 14.00
CA ALA A 245 7.47 30.54 15.02
C ALA A 245 8.29 31.67 14.40
N LEU A 246 9.13 31.34 13.44
CA LEU A 246 10.09 32.32 12.92
C LEU A 246 9.47 33.33 11.96
N PRO A 247 10.18 34.44 11.68
CA PRO A 247 9.64 35.51 10.83
C PRO A 247 9.49 35.12 9.38
N ILE A 248 10.09 34.00 8.98
CA ILE A 248 9.97 33.52 7.62
C ILE A 248 10.00 31.99 7.52
N VAL A 249 9.44 31.48 6.45
CA VAL A 249 9.57 30.06 6.16
C VAL A 249 10.99 29.83 5.71
N LEU A 250 11.49 28.63 5.92
CA LEU A 250 12.70 28.18 5.23
C LEU A 250 13.90 29.08 5.54
N ASN A 251 14.09 29.36 6.82
CA ASN A 251 15.15 30.26 7.24
C ASN A 251 16.54 29.80 6.85
N MET A 252 16.66 28.56 6.42
CA MET A 252 17.89 28.03 5.83
C MET A 252 18.18 28.63 4.46
N PHE A 253 17.15 28.87 3.68
CA PHE A 253 17.28 29.64 2.45
C PHE A 253 17.41 31.11 2.82
N GLU A 254 17.99 31.90 1.92
CA GLU A 254 18.07 33.36 2.12
C GLU A 254 16.69 34.07 1.91
N LYS A 255 16.61 35.32 2.37
CA LYS A 255 15.33 36.05 2.53
C LYS A 255 14.56 36.33 1.23
N LYS A 256 15.29 36.47 0.13
CA LYS A 256 14.68 36.77 -1.16
C LYS A 256 13.67 35.67 -1.56
N LEU A 257 14.15 34.42 -1.55
CA LEU A 257 13.35 33.25 -1.90
C LEU A 257 12.27 32.92 -0.82
N SER A 258 12.60 33.11 0.46
CA SER A 258 11.64 32.92 1.56
C SER A 258 10.40 33.78 1.42
N SER A 259 10.54 34.89 0.70
CA SER A 259 9.43 35.79 0.40
C SER A 259 8.64 35.26 -0.78
N TYR A 260 9.34 34.92 -1.85
CA TYR A 260 8.71 34.36 -3.05
C TYR A 260 7.94 33.09 -2.73
N ALA A 261 8.64 32.16 -2.07
CA ALA A 261 8.10 30.86 -1.70
C ALA A 261 6.79 31.05 -0.96
N GLN A 262 6.89 31.83 0.09
CA GLN A 262 5.74 32.20 0.87
C GLN A 262 4.62 32.83 0.03
N SER A 263 4.95 33.90 -0.68
CA SER A 263 3.96 34.58 -1.53
C SER A 263 3.30 33.57 -2.46
N HIS A 264 4.12 32.67 -3.00
CA HIS A 264 3.62 31.62 -3.89
C HIS A 264 2.71 30.63 -3.15
N LEU A 265 3.05 30.33 -1.90
CA LEU A 265 2.18 29.47 -1.15
C LEU A 265 0.87 30.19 -1.05
N GLU A 266 0.92 31.45 -0.67
CA GLU A 266 -0.30 32.24 -0.57
C GLU A 266 -1.04 32.20 -1.89
N ASN A 267 -0.30 32.24 -3.01
CA ASN A 267 -0.91 32.03 -4.34
C ASN A 267 -1.62 30.69 -4.54
N THR A 268 -0.99 29.60 -4.08
CA THR A 268 -1.62 28.28 -4.03
C THR A 268 -2.83 28.28 -3.11
N SER A 269 -2.91 29.28 -2.23
N SER A 269 -2.89 29.28 -2.23
CA SER A 269 -4.04 29.53 -1.35
CA SER A 269 -4.02 29.58 -1.35
C SER A 269 -3.78 29.10 0.08
C SER A 269 -3.77 29.07 0.06
N ILE A 270 -2.51 28.99 0.46
CA ILE A 270 -2.17 28.51 1.80
C ILE A 270 -2.11 29.64 2.79
N LYS A 271 -2.79 29.48 3.92
CA LYS A 271 -2.80 30.51 4.99
C LYS A 271 -1.53 30.40 5.86
N VAL A 272 -0.68 31.43 5.81
CA VAL A 272 0.68 31.29 6.33
C VAL A 272 0.99 32.10 7.57
N HIS A 273 0.73 31.53 8.73
CA HIS A 273 0.88 32.25 9.97
C HIS A 273 2.34 32.22 10.42
N LEU A 274 3.08 33.28 10.11
CA LEU A 274 4.46 33.44 10.59
C LEU A 274 4.42 34.02 11.98
N ARG A 275 5.61 34.05 12.61
N ARG A 275 5.56 34.00 12.65
CA ARG A 275 5.81 34.53 13.98
CA ARG A 275 5.69 34.63 13.96
C ARG A 275 4.72 34.06 14.92
C ARG A 275 4.74 34.05 14.98
N THR A 276 4.34 32.80 14.78
CA THR A 276 3.28 32.19 15.55
C THR A 276 3.81 30.98 16.28
N ALA A 277 3.34 30.77 17.49
CA ALA A 277 3.67 29.57 18.19
C ALA A 277 2.40 28.89 18.58
N VAL A 278 2.41 27.56 18.59
CA VAL A 278 1.31 26.81 19.20
C VAL A 278 1.53 26.76 20.69
N ALA A 279 0.51 27.20 21.41
CA ALA A 279 0.57 27.28 22.83
C ALA A 279 -0.05 26.05 23.38
N LYS A 280 -1.13 25.57 22.74
CA LYS A 280 -1.67 24.25 23.07
C LYS A 280 -2.63 23.71 22.00
N VAL A 281 -2.68 22.39 21.92
CA VAL A 281 -3.47 21.70 20.92
C VAL A 281 -4.64 21.07 21.63
N GLU A 282 -5.83 21.64 21.44
CA GLU A 282 -7.06 20.94 21.80
C GLU A 282 -7.44 20.07 20.62
N GLU A 283 -8.28 19.09 20.90
CA GLU A 283 -8.80 18.19 19.89
C GLU A 283 -9.22 18.80 18.55
N LYS A 284 -10.15 19.74 18.59
CA LYS A 284 -10.72 20.32 17.38
C LYS A 284 -10.25 21.69 17.00
N GLN A 285 -9.27 22.22 17.67
CA GLN A 285 -8.69 23.44 17.24
C GLN A 285 -7.46 23.65 18.04
N LEU A 286 -6.60 24.56 17.65
CA LEU A 286 -5.44 24.77 18.45
C LEU A 286 -5.22 26.20 18.85
N LEU A 287 -4.72 26.38 20.05
CA LEU A 287 -4.48 27.69 20.57
C LEU A 287 -3.13 28.16 20.07
N ALA A 288 -3.12 29.34 19.46
CA ALA A 288 -1.93 29.91 18.82
C ALA A 288 -1.74 31.40 19.14
N LYS A 289 -0.48 31.78 19.42
CA LYS A 289 -0.11 33.16 19.74
C LYS A 289 0.87 33.68 18.70
N THR A 290 0.49 34.78 18.06
CA THR A 290 1.38 35.51 17.18
C THR A 290 2.03 36.66 17.94
N LYS A 291 3.33 36.87 17.68
CA LYS A 291 4.14 37.92 18.31
C LYS A 291 4.48 38.95 17.25
N HIS A 292 4.02 40.18 17.45
CA HIS A 292 3.94 41.18 16.36
C HIS A 292 5.14 42.14 16.19
N GLU A 293 5.18 42.77 15.01
CA GLU A 293 6.24 43.71 14.63
C GLU A 293 6.18 44.87 15.61
N ASP A 294 5.00 45.47 15.73
CA ASP A 294 4.70 46.47 16.77
C ASP A 294 4.66 45.86 18.20
N GLY A 295 5.56 44.91 18.46
CA GLY A 295 5.83 44.46 19.81
C GLY A 295 4.85 43.52 20.47
N LYS A 296 3.57 43.54 20.10
CA LYS A 296 2.54 42.84 20.92
C LYS A 296 2.16 41.37 20.53
N ILE A 297 2.02 40.56 21.58
CA ILE A 297 1.46 39.21 21.50
C ILE A 297 -0.07 39.24 21.39
N THR A 298 -0.59 38.77 20.25
CA THR A 298 -2.02 38.48 20.12
C THR A 298 -2.24 37.00 20.36
N GLU A 299 -3.50 36.60 20.31
CA GLU A 299 -3.82 35.20 20.32
C GLU A 299 -4.75 34.95 19.16
N GLU A 300 -4.79 33.70 18.74
CA GLU A 300 -5.76 33.25 17.80
C GLU A 300 -6.31 31.92 18.29
N THR A 301 -7.21 31.33 17.50
CA THR A 301 -7.63 29.96 17.66
C THR A 301 -7.86 29.38 16.28
N ILE A 302 -7.05 28.42 15.87
CA ILE A 302 -7.23 27.83 14.55
C ILE A 302 -7.91 26.53 14.76
N PRO A 303 -9.03 26.34 14.08
CA PRO A 303 -9.70 25.06 14.08
C PRO A 303 -9.13 24.14 12.99
N TYR A 304 -9.09 22.83 13.26
CA TYR A 304 -8.56 21.87 12.30
C TYR A 304 -9.18 20.51 12.34
N GLY A 305 -9.26 19.93 11.15
CA GLY A 305 -9.47 18.51 10.99
C GLY A 305 -8.21 17.69 11.27
N THR A 306 -7.08 18.15 10.71
CA THR A 306 -5.86 17.34 10.54
C THR A 306 -4.61 18.12 10.85
N LEU A 307 -3.84 17.64 11.82
CA LEU A 307 -2.74 18.41 12.38
C LEU A 307 -1.40 17.71 12.20
N ILE A 308 -0.59 18.25 11.32
CA ILE A 308 0.69 17.66 11.10
C ILE A 308 1.73 18.48 11.79
N TRP A 309 2.49 17.87 12.66
CA TRP A 309 3.41 18.58 13.49
C TRP A 309 4.80 18.25 12.96
N ALA A 310 5.26 19.11 12.07
CA ALA A 310 6.52 18.93 11.39
C ALA A 310 7.43 19.96 11.94
N THR A 311 7.81 19.81 13.20
CA THR A 311 8.72 20.77 13.75
C THR A 311 9.78 20.14 14.58
N GLY A 312 10.97 20.74 14.50
CA GLY A 312 12.08 20.49 15.43
C GLY A 312 12.46 19.06 15.76
N ASN A 313 13.46 18.91 16.63
N ASN A 313 13.46 18.91 16.63
CA ASN A 313 13.98 17.60 17.05
CA ASN A 313 13.93 17.59 17.08
C ASN A 313 14.49 17.58 18.51
C ASN A 313 14.55 17.59 18.49
N LYS A 314 14.82 16.39 18.98
CA LYS A 314 15.23 16.20 20.34
C LYS A 314 15.67 14.74 20.44
N ALA A 315 16.87 14.51 20.95
CA ALA A 315 17.44 13.20 20.78
C ALA A 315 16.67 12.12 21.54
N ARG A 316 16.90 10.88 21.12
CA ARG A 316 16.19 9.72 21.65
C ARG A 316 16.58 9.48 23.09
N PRO A 317 16.00 8.46 23.76
CA PRO A 317 16.39 8.26 25.16
C PRO A 317 17.78 7.62 25.33
N VAL A 318 18.00 6.47 24.66
CA VAL A 318 19.33 5.82 24.59
C VAL A 318 20.48 6.77 24.39
N ILE A 319 20.32 7.72 23.50
CA ILE A 319 21.37 8.67 23.24
C ILE A 319 21.52 9.48 24.50
N THR A 320 20.41 9.96 24.99
CA THR A 320 20.43 10.78 26.17
C THR A 320 20.85 9.96 27.38
N ASP A 321 20.18 8.83 27.62
CA ASP A 321 20.66 7.84 28.59
C ASP A 321 22.18 7.82 28.63
N LEU A 322 22.80 7.64 27.45
CA LEU A 322 24.28 7.56 27.32
C LEU A 322 25.01 8.85 27.72
N PHE A 323 24.30 9.97 27.77
CA PHE A 323 24.92 11.19 28.25
C PHE A 323 25.36 11.09 29.70
N LYS A 324 24.59 10.35 30.49
CA LYS A 324 24.92 10.18 31.90
C LYS A 324 26.15 9.25 32.01
N LYS A 325 26.02 8.05 31.47
CA LYS A 325 27.06 7.03 31.57
C LYS A 325 28.44 7.37 30.94
N ILE A 326 28.57 8.55 30.32
CA ILE A 326 29.89 9.13 29.95
C ILE A 326 29.97 10.43 30.72
N PRO A 327 31.15 10.74 31.26
CA PRO A 327 31.33 11.93 32.10
C PRO A 327 31.42 13.23 31.32
N GLU A 328 32.07 13.21 30.17
CA GLU A 328 32.15 14.40 29.34
C GLU A 328 30.77 14.73 28.83
N GLN A 329 30.03 13.68 28.48
CA GLN A 329 28.68 13.82 27.94
C GLN A 329 27.62 14.30 28.93
N ASN A 330 28.03 14.76 30.11
CA ASN A 330 27.08 15.10 31.16
C ASN A 330 26.23 16.31 30.92
N SER A 331 26.61 17.15 29.95
CA SER A 331 25.83 18.33 29.64
C SER A 331 25.41 18.38 28.18
N SER A 332 25.48 17.23 27.48
CA SER A 332 25.18 17.18 26.04
C SER A 332 23.70 17.42 25.81
N LYS A 333 23.37 18.65 25.42
CA LYS A 333 22.00 19.12 25.38
C LYS A 333 21.25 18.44 24.24
N ARG A 334 21.72 18.62 23.00
CA ARG A 334 20.97 18.23 21.78
C ARG A 334 21.15 16.77 21.39
N GLY A 335 22.36 16.27 21.59
CA GLY A 335 22.71 14.92 21.17
C GLY A 335 24.14 14.69 21.61
N LEU A 336 24.67 13.49 21.33
CA LEU A 336 26.07 13.20 21.64
C LEU A 336 26.98 14.24 21.03
N ALA A 337 27.98 14.65 21.80
CA ALA A 337 28.96 15.64 21.37
C ALA A 337 30.18 14.98 20.73
N VAL A 338 30.70 15.55 19.64
CA VAL A 338 31.82 14.91 18.94
C VAL A 338 32.99 15.81 18.61
N ASN A 339 34.18 15.19 18.53
CA ASN A 339 35.39 15.84 18.06
C ASN A 339 35.27 16.01 16.55
N ASP A 340 36.36 16.37 15.86
CA ASP A 340 36.31 16.48 14.41
C ASP A 340 36.75 15.24 13.67
N PHE A 341 36.94 14.16 14.42
CA PHE A 341 36.96 12.83 13.83
C PHE A 341 35.63 12.12 14.10
N LEU A 342 34.58 12.91 14.34
CA LEU A 342 33.20 12.41 14.49
C LEU A 342 33.10 11.30 15.52
N GLN A 343 33.81 11.50 16.60
CA GLN A 343 33.95 10.50 17.62
C GLN A 343 33.42 11.12 18.88
N VAL A 344 32.87 10.28 19.73
CA VAL A 344 32.25 10.77 20.94
C VAL A 344 33.30 11.36 21.85
N LYS A 345 33.13 12.64 22.20
CA LYS A 345 34.00 13.29 23.20
C LYS A 345 33.79 12.68 24.60
N GLY A 346 34.68 11.77 25.01
CA GLY A 346 34.53 11.06 26.27
C GLY A 346 34.41 9.55 26.09
N SER A 347 34.37 9.14 24.82
CA SER A 347 34.62 7.75 24.44
C SER A 347 35.78 7.73 23.45
N ASN A 348 35.93 6.61 22.77
CA ASN A 348 36.92 6.47 21.71
C ASN A 348 36.38 5.53 20.65
N ASN A 349 36.26 4.26 21.03
CA ASN A 349 35.52 3.27 20.25
C ASN A 349 34.10 3.69 19.75
N ILE A 350 33.61 4.86 20.14
CA ILE A 350 32.26 5.28 19.76
C ILE A 350 32.25 6.52 18.89
N PHE A 351 31.44 6.43 17.83
CA PHE A 351 31.21 7.53 16.91
C PHE A 351 29.71 7.80 16.80
N ALA A 352 29.38 9.07 16.68
CA ALA A 352 28.00 9.51 16.51
C ALA A 352 27.91 10.31 15.23
N ILE A 353 27.05 9.91 14.31
CA ILE A 353 26.83 10.70 13.10
C ILE A 353 25.36 11.00 12.86
N GLY A 354 25.12 12.07 12.12
CA GLY A 354 23.78 12.46 11.72
C GLY A 354 23.04 13.32 12.73
N ASP A 355 21.98 12.75 13.29
CA ASP A 355 21.07 13.55 14.07
C ASP A 355 21.24 13.27 15.54
N ASN A 356 21.74 12.11 15.89
CA ASN A 356 22.04 11.85 17.27
C ASN A 356 23.39 12.44 17.60
N ALA A 357 23.94 13.22 16.67
CA ALA A 357 25.29 13.77 16.80
C ALA A 357 25.29 15.30 16.90
N PHE A 358 25.37 15.80 18.13
CA PHE A 358 25.51 17.24 18.37
C PHE A 358 26.88 17.73 17.93
N ALA A 359 26.91 18.46 16.81
CA ALA A 359 28.16 18.86 16.21
C ALA A 359 28.09 20.30 15.73
N GLY A 360 27.29 21.13 16.40
CA GLY A 360 27.06 22.50 15.97
C GLY A 360 26.51 22.69 14.54
N LEU A 361 26.34 21.60 13.78
CA LEU A 361 25.90 21.66 12.38
C LEU A 361 24.42 21.42 12.24
N PRO A 362 23.81 21.82 11.08
CA PRO A 362 22.38 21.53 10.90
C PRO A 362 22.15 20.01 10.81
N PRO A 363 20.92 19.55 11.17
CA PRO A 363 20.68 18.14 11.37
C PRO A 363 19.90 17.55 10.22
N THR A 364 20.57 17.43 9.08
CA THR A 364 19.90 17.11 7.85
C THR A 364 20.44 15.85 7.26
N ALA A 365 20.00 15.54 6.04
CA ALA A 365 20.46 14.36 5.31
C ALA A 365 21.85 14.61 4.77
N GLN A 366 21.98 15.76 4.09
CA GLN A 366 23.25 16.28 3.60
C GLN A 366 24.38 16.08 4.60
N VAL A 367 24.25 16.74 5.73
CA VAL A 367 25.22 16.67 6.81
C VAL A 367 25.60 15.25 7.16
N ALA A 368 24.60 14.45 7.47
CA ALA A 368 24.80 13.07 7.85
C ALA A 368 25.53 12.23 6.78
N HIS A 369 25.27 12.55 5.51
CA HIS A 369 25.83 11.80 4.37
C HIS A 369 27.31 12.03 4.22
N GLN A 370 27.71 13.28 4.36
CA GLN A 370 29.10 13.61 4.40
C GLN A 370 29.61 12.88 5.62
N GLU A 371 29.07 13.20 6.79
CA GLU A 371 29.53 12.56 8.01
C GLU A 371 29.86 11.06 7.83
N ALA A 372 29.00 10.32 7.14
CA ALA A 372 29.23 8.88 6.92
C ALA A 372 30.39 8.57 5.94
N GLU A 373 30.50 9.38 4.90
CA GLU A 373 31.43 9.09 3.83
C GLU A 373 32.81 9.25 4.40
N TYR A 374 33.07 10.48 4.84
CA TYR A 374 34.25 10.79 5.62
C TYR A 374 34.63 9.59 6.46
N LEU A 375 33.72 9.20 7.34
CA LEU A 375 34.06 8.26 8.40
C LEU A 375 34.30 6.86 7.88
N ALA A 376 33.84 6.60 6.66
CA ALA A 376 34.15 5.34 6.03
C ALA A 376 35.61 5.33 5.62
N LYS A 377 36.01 6.34 4.84
CA LYS A 377 37.42 6.51 4.48
C LYS A 377 38.21 6.57 5.75
N ASN A 378 38.09 7.68 6.45
CA ASN A 378 38.62 7.80 7.79
C ASN A 378 38.66 6.47 8.55
N PHE A 379 37.70 5.58 8.31
CA PHE A 379 37.81 4.24 8.84
C PHE A 379 38.70 3.35 8.03
N ASP A 380 38.25 3.04 6.81
CA ASP A 380 39.01 2.20 5.91
C ASP A 380 40.49 2.52 6.02
N LYS A 381 40.76 3.83 6.04
CA LYS A 381 42.10 4.39 6.14
C LYS A 381 42.74 4.23 7.53
N MET A 382 42.08 3.51 8.42
CA MET A 382 42.70 3.09 9.67
C MET A 382 43.36 1.74 9.48
N ALA A 383 43.11 1.10 8.34
CA ALA A 383 43.52 -0.29 8.12
C ALA A 383 45.04 -0.57 8.03
N GLN A 384 45.88 0.47 8.04
CA GLN A 384 47.35 0.28 7.98
C GLN A 384 48.10 1.04 9.08
N ILE A 385 47.97 0.53 10.31
CA ILE A 385 48.56 1.16 11.49
C ILE A 385 48.80 0.10 12.59
N PRO A 386 49.95 0.16 13.30
CA PRO A 386 50.34 -0.82 14.35
C PRO A 386 49.61 -0.77 15.72
N ASN A 387 49.49 0.42 16.32
CA ASN A 387 48.76 0.62 17.61
C ASN A 387 47.33 0.09 17.59
N PHE A 388 46.70 0.19 16.42
CA PHE A 388 45.27 -0.06 16.25
C PHE A 388 44.93 -1.55 16.35
N GLN A 389 45.95 -2.38 16.51
CA GLN A 389 45.76 -3.82 16.66
C GLN A 389 45.39 -4.22 18.11
N LYS A 390 45.59 -3.32 19.08
CA LYS A 390 45.31 -3.65 20.48
C LYS A 390 44.49 -2.58 21.23
N ASN A 391 44.33 -2.79 22.54
CA ASN A 391 43.62 -1.88 23.47
C ASN A 391 42.15 -2.27 23.65
N ASP A 397 43.60 6.24 28.70
CA ASP A 397 44.31 7.06 27.72
C ASP A 397 43.44 8.18 27.12
N LYS A 398 44.09 9.11 26.42
CA LYS A 398 43.35 10.09 25.61
C LYS A 398 43.16 9.54 24.18
N ILE A 399 42.12 10.08 23.53
CA ILE A 399 41.32 9.39 22.54
C ILE A 399 41.63 9.80 21.08
N ASP A 400 41.67 11.12 20.85
CA ASP A 400 41.78 11.71 19.51
C ASP A 400 43.22 12.00 19.15
N LEU A 401 44.10 11.73 20.10
CA LEU A 401 45.53 11.93 19.90
C LEU A 401 46.08 10.92 18.86
N LEU A 402 45.49 9.73 18.80
CA LEU A 402 45.93 8.67 17.85
C LEU A 402 45.68 9.04 16.37
N PHE A 403 44.61 9.78 16.13
CA PHE A 403 44.13 10.10 14.79
C PHE A 403 44.69 11.44 14.31
N GLU A 404 45.08 12.28 15.27
CA GLU A 404 45.86 13.51 15.00
C GLU A 404 47.27 13.13 14.50
N GLU A 405 47.78 12.02 15.02
CA GLU A 405 49.16 11.65 14.80
C GLU A 405 49.43 11.24 13.36
N ASN A 406 48.84 10.13 12.90
CA ASN A 406 49.03 9.63 11.51
C ASN A 406 48.69 10.67 10.46
N ASN A 407 48.02 11.71 10.94
CA ASN A 407 47.58 12.82 10.15
C ASN A 407 46.53 12.38 9.14
N PHE A 408 45.42 11.95 9.74
CA PHE A 408 44.10 11.93 9.10
C PHE A 408 43.62 13.35 9.04
N LYS A 409 42.62 13.56 8.20
CA LYS A 409 42.06 14.88 8.02
C LYS A 409 40.85 14.90 8.93
N PRO A 410 40.58 16.03 9.61
CA PRO A 410 39.38 16.15 10.43
C PRO A 410 38.20 16.53 9.54
N PHE A 411 36.97 16.22 9.97
CA PHE A 411 35.78 16.42 9.12
C PHE A 411 35.54 17.90 8.82
N LYS A 412 35.43 18.17 7.50
CA LYS A 412 35.14 19.49 6.93
C LYS A 412 33.87 19.46 6.06
N TYR A 413 32.81 20.07 6.58
CA TYR A 413 31.52 20.02 5.93
C TYR A 413 31.52 20.90 4.69
N ASN A 414 31.41 20.26 3.53
CA ASN A 414 31.20 20.97 2.28
C ASN A 414 29.72 21.15 2.04
N ASP A 415 29.22 22.36 2.28
CA ASP A 415 27.80 22.59 2.08
C ASP A 415 27.47 22.69 0.61
N LEU A 416 26.25 22.33 0.25
CA LEU A 416 25.85 22.27 -1.13
C LEU A 416 24.40 22.64 -1.34
N GLY A 417 23.91 23.65 -0.65
CA GLY A 417 22.59 24.27 -0.94
C GLY A 417 21.43 23.78 -0.09
N ALA A 418 20.22 23.93 -0.61
CA ALA A 418 18.98 23.31 -0.03
C ALA A 418 17.78 23.53 -0.95
N LEU A 419 16.80 22.63 -0.92
CA LEU A 419 15.64 22.71 -1.83
C LEU A 419 14.24 22.87 -1.18
N ALA A 420 13.21 22.93 -2.00
CA ALA A 420 11.87 22.84 -1.46
C ALA A 420 10.88 22.76 -2.59
N TYR A 421 9.98 21.77 -2.57
CA TYR A 421 8.77 21.75 -3.42
C TYR A 421 7.83 22.78 -2.78
N LEU A 422 6.94 23.38 -3.58
CA LEU A 422 5.99 24.42 -3.12
C LEU A 422 4.54 24.10 -3.50
N GLY A 423 4.32 22.92 -4.09
CA GLY A 423 3.02 22.54 -4.62
C GLY A 423 2.78 23.27 -5.92
N SER A 424 1.73 22.85 -6.64
CA SER A 424 1.41 23.47 -7.90
C SER A 424 2.72 23.81 -8.65
N GLU A 425 3.43 22.74 -8.99
CA GLU A 425 4.61 22.70 -9.88
C GLU A 425 5.66 23.80 -9.82
N ARG A 426 6.06 24.27 -8.64
CA ARG A 426 7.22 25.17 -8.57
C ARG A 426 8.09 24.87 -7.40
N ALA A 427 9.31 25.39 -7.43
CA ALA A 427 10.26 25.11 -6.37
C ALA A 427 11.38 26.13 -6.29
N ILE A 428 11.65 26.68 -5.12
CA ILE A 428 12.89 27.39 -4.93
C ILE A 428 13.98 26.36 -4.85
N ALA A 429 15.19 26.76 -5.21
CA ALA A 429 16.35 25.91 -4.99
C ALA A 429 17.61 26.73 -4.97
N THR A 430 18.63 26.16 -4.34
CA THR A 430 19.93 26.78 -4.24
C THR A 430 20.98 25.70 -4.29
N ILE A 431 22.11 26.03 -4.88
CA ILE A 431 23.25 25.14 -4.88
C ILE A 431 24.44 25.92 -4.26
N ARG A 432 25.45 25.19 -3.84
CA ARG A 432 26.77 25.74 -3.71
C ARG A 432 27.73 24.58 -3.64
N SER A 433 29.00 24.90 -3.80
CA SER A 433 30.09 23.98 -3.47
C SER A 433 31.17 24.87 -2.86
N GLY A 434 31.48 24.60 -1.59
CA GLY A 434 32.24 25.54 -0.77
C GLY A 434 31.34 26.75 -0.57
N LYS A 435 31.86 27.94 -0.83
CA LYS A 435 31.00 29.11 -0.87
C LYS A 435 30.85 29.71 -2.27
N ARG A 436 30.96 28.86 -3.29
CA ARG A 436 30.55 29.27 -4.64
C ARG A 436 29.12 28.84 -4.95
N THR A 437 28.22 29.82 -5.02
CA THR A 437 26.87 29.60 -5.48
C THR A 437 26.85 29.26 -6.97
N PHE A 438 26.73 27.99 -7.31
CA PHE A 438 26.35 27.62 -8.67
C PHE A 438 25.04 28.36 -9.01
N TYR A 439 23.92 27.87 -8.46
CA TYR A 439 22.58 28.34 -8.82
C TYR A 439 21.79 28.79 -7.61
N THR A 440 20.75 29.59 -7.82
CA THR A 440 19.83 29.93 -6.74
C THR A 440 18.50 30.58 -7.22
N GLY A 441 17.74 29.85 -8.04
CA GLY A 441 16.50 30.40 -8.61
C GLY A 441 15.27 29.79 -7.97
N GLY A 442 14.12 29.86 -8.64
CA GLY A 442 12.91 29.31 -8.05
C GLY A 442 11.61 29.37 -8.84
N GLY A 443 11.63 28.84 -10.07
CA GLY A 443 10.42 28.76 -10.90
C GLY A 443 10.23 27.35 -11.47
N LEU A 444 9.30 27.22 -12.42
CA LEU A 444 9.04 25.93 -13.05
C LEU A 444 10.32 25.26 -13.47
N MET A 445 11.26 26.04 -14.01
CA MET A 445 12.60 25.57 -14.30
C MET A 445 13.13 24.82 -13.08
N THR A 446 13.15 25.52 -11.93
CA THR A 446 13.75 25.02 -10.69
C THR A 446 13.03 23.79 -10.16
N PHE A 447 11.71 23.81 -10.20
CA PHE A 447 10.98 22.59 -9.94
C PHE A 447 11.51 21.49 -10.82
N TYR A 448 11.55 21.70 -12.14
CA TYR A 448 11.97 20.61 -13.07
C TYR A 448 13.40 20.10 -12.85
N LEU A 449 14.25 20.93 -12.26
CA LEU A 449 15.53 20.46 -11.71
C LEU A 449 15.27 19.62 -10.44
N TRP A 450 14.69 20.28 -9.43
CA TRP A 450 14.48 19.72 -8.09
C TRP A 450 14.13 18.26 -8.16
N ARG A 451 13.25 17.91 -9.10
CA ARG A 451 12.94 16.51 -9.35
C ARG A 451 14.24 15.79 -9.71
N ILE A 452 14.71 15.99 -10.94
CA ILE A 452 16.00 15.42 -11.41
C ILE A 452 16.94 15.32 -10.23
N LEU A 453 17.11 16.45 -9.54
CA LEU A 453 18.08 16.54 -8.49
C LEU A 453 17.87 15.41 -7.49
N TYR A 454 16.68 15.35 -6.91
CA TYR A 454 16.39 14.34 -5.89
C TYR A 454 16.59 12.91 -6.45
N LEU A 455 15.98 12.60 -7.60
CA LEU A 455 16.33 11.36 -8.32
C LEU A 455 17.81 10.98 -8.30
N SER A 456 18.64 11.92 -8.72
CA SER A 456 20.08 11.79 -8.50
C SER A 456 20.56 11.36 -7.12
N MET A 457 20.06 12.06 -6.09
CA MET A 457 20.56 11.84 -4.71
C MET A 457 19.84 10.67 -4.01
N ILE A 458 19.08 9.85 -4.75
CA ILE A 458 18.56 8.58 -4.20
C ILE A 458 19.69 7.59 -3.99
N LEU A 459 19.44 6.49 -3.27
CA LEU A 459 20.47 5.48 -3.06
C LEU A 459 20.29 4.28 -3.95
N SER A 460 19.10 3.70 -3.90
CA SER A 460 18.86 2.42 -4.54
C SER A 460 18.28 2.67 -5.91
N ALA A 461 18.30 1.64 -6.74
CA ALA A 461 17.77 1.77 -8.06
C ALA A 461 16.25 1.69 -8.01
N ARG A 462 15.77 0.50 -7.64
CA ARG A 462 14.34 0.20 -7.46
C ARG A 462 13.57 1.42 -6.98
N SER A 463 14.04 2.02 -5.88
CA SER A 463 13.43 3.21 -5.33
C SER A 463 13.35 4.23 -6.45
N ARG A 464 14.50 4.53 -7.05
CA ARG A 464 14.52 5.52 -8.10
C ARG A 464 13.43 5.26 -9.17
N LEU A 465 13.54 4.14 -9.88
CA LEU A 465 12.58 3.83 -10.91
C LEU A 465 11.13 3.90 -10.37
N LYS A 466 10.84 3.17 -9.31
CA LYS A 466 9.52 3.26 -8.72
C LYS A 466 9.14 4.72 -8.54
N VAL A 467 10.04 5.53 -8.00
CA VAL A 467 9.77 6.95 -7.86
C VAL A 467 9.39 7.56 -9.18
N PHE A 468 10.27 7.28 -10.14
CA PHE A 468 10.09 7.77 -11.50
C PHE A 468 8.71 7.40 -12.05
N PHE A 469 8.29 6.15 -11.92
CA PHE A 469 6.99 5.75 -12.47
C PHE A 469 5.81 6.41 -11.79
N ASP A 470 5.91 6.62 -10.48
CA ASP A 470 4.87 7.33 -9.76
C ASP A 470 4.65 8.67 -10.45
N TRP A 471 5.77 9.38 -10.61
CA TRP A 471 5.82 10.72 -11.22
C TRP A 471 5.23 10.76 -12.60
N ILE A 472 5.64 9.80 -13.40
CA ILE A 472 5.07 9.60 -14.69
C ILE A 472 3.58 9.39 -14.47
N LYS A 473 3.17 8.26 -13.90
CA LYS A 473 1.73 7.91 -13.75
C LYS A 473 0.86 9.08 -13.38
N LEU A 474 1.39 9.90 -12.47
CA LEU A 474 0.70 11.08 -12.01
C LEU A 474 0.58 12.11 -13.14
N ALA A 475 1.64 12.30 -13.89
CA ALA A 475 1.60 13.21 -15.02
C ALA A 475 0.41 12.85 -15.91
N PHE A 476 0.33 11.60 -16.38
CA PHE A 476 -0.79 11.21 -17.24
C PHE A 476 -2.10 10.96 -16.44
N PHE A 477 -2.05 10.45 -15.19
CA PHE A 477 -3.28 10.31 -14.32
C PHE A 477 -3.19 10.92 -12.90
N LYS A 478 -4.34 10.97 -12.22
CA LYS A 478 -4.44 11.43 -10.82
C LYS A 478 -3.38 10.84 -9.86
N ARG A 479 -3.56 11.08 -8.56
CA ARG A 479 -2.78 10.40 -7.49
C ARG A 479 -3.62 9.30 -6.84
N ASP A 480 -2.97 8.40 -6.10
CA ASP A 480 -3.68 7.31 -5.41
C ASP A 480 -3.91 7.61 -3.93
N PHE A 481 -5.13 7.98 -3.58
CA PHE A 481 -5.46 8.40 -2.23
C PHE A 481 -6.41 7.41 -1.64
N PHE A 482 -5.99 6.16 -1.55
CA PHE A 482 -6.81 5.14 -0.90
C PHE A 482 -6.49 5.16 0.55
N LYS A 483 -7.52 5.16 1.38
CA LYS A 483 -7.30 4.99 2.80
C LYS A 483 -7.13 3.50 3.15
N GLY A 484 -7.58 2.65 2.25
CA GLY A 484 -7.34 1.23 2.39
C GLY A 484 -5.86 0.91 2.34
N LEU A 485 -5.08 1.70 1.62
CA LEU A 485 -3.74 1.25 1.26
C LEU A 485 -2.69 2.38 1.32
N THR B 1 -35.55 7.81 -0.74
CA THR B 1 -35.06 8.94 0.10
C THR B 1 -33.96 9.69 -0.68
N GLY B 2 -34.15 11.00 -0.91
CA GLY B 2 -33.14 11.83 -1.61
C GLY B 2 -33.30 13.36 -1.56
N VAL B 3 -32.37 14.04 -0.86
CA VAL B 3 -32.23 15.53 -0.86
C VAL B 3 -30.76 15.96 -0.59
N GLU B 4 -30.23 15.60 0.57
CA GLU B 4 -28.85 15.95 0.91
C GLU B 4 -28.31 15.05 2.01
N ASN B 5 -28.73 15.25 3.26
CA ASN B 5 -28.06 14.64 4.43
C ASN B 5 -28.52 13.23 4.81
N SER B 6 -27.56 12.47 5.37
CA SER B 6 -27.76 11.08 5.74
C SER B 6 -26.67 10.59 6.73
N GLY B 7 -26.68 9.29 7.02
CA GLY B 7 -25.71 8.66 7.94
C GLY B 7 -24.82 7.60 7.30
N ALA B 8 -25.41 6.47 6.88
CA ALA B 8 -24.65 5.28 6.40
C ALA B 8 -23.90 5.52 5.10
N GLY B 9 -22.71 4.94 5.00
CA GLY B 9 -22.04 4.83 3.72
C GLY B 9 -21.22 6.06 3.34
N PRO B 10 -20.09 6.26 3.98
CA PRO B 10 -19.40 7.52 3.92
C PRO B 10 -19.09 7.92 2.51
N THR B 11 -18.76 6.97 1.67
CA THR B 11 -18.28 7.31 0.35
C THR B 11 -19.36 7.94 -0.50
N SER B 12 -20.58 7.94 -0.01
CA SER B 12 -21.64 8.32 -0.89
C SER B 12 -21.25 9.66 -1.44
N PHE B 13 -21.36 9.83 -2.74
CA PHE B 13 -20.93 11.03 -3.41
C PHE B 13 -21.93 11.26 -4.49
N LYS B 14 -22.02 12.44 -5.07
CA LYS B 14 -22.79 12.60 -6.29
C LYS B 14 -22.03 13.33 -7.36
N THR B 15 -22.25 12.96 -8.61
CA THR B 15 -21.65 13.69 -9.72
C THR B 15 -22.69 14.61 -10.39
N MET B 16 -22.70 15.87 -9.96
CA MET B 16 -23.61 16.89 -10.49
C MET B 16 -23.31 17.18 -11.96
N LYS B 17 -23.56 16.23 -12.85
CA LYS B 17 -23.11 16.37 -14.24
C LYS B 17 -24.12 17.04 -15.19
N VAL B 18 -25.33 17.30 -14.71
CA VAL B 18 -26.21 18.32 -15.31
C VAL B 18 -26.86 19.10 -14.13
N ILE B 19 -28.18 19.33 -14.13
CA ILE B 19 -28.90 19.95 -12.98
C ILE B 19 -30.21 19.15 -12.70
N ASP B 20 -30.39 18.72 -11.45
CA ASP B 20 -31.48 17.78 -11.04
C ASP B 20 -32.89 18.39 -10.95
N PRO B 21 -33.85 17.91 -11.77
CA PRO B 21 -35.25 18.25 -11.43
C PRO B 21 -35.69 17.49 -10.16
N GLN B 22 -36.18 18.22 -9.15
CA GLN B 22 -36.55 17.62 -7.85
C GLN B 22 -37.77 16.70 -7.96
N HIS B 23 -38.90 17.25 -8.44
CA HIS B 23 -39.99 16.42 -8.97
C HIS B 23 -39.45 15.83 -10.27
N SER B 24 -38.79 14.68 -10.15
CA SER B 24 -37.77 14.24 -11.12
C SER B 24 -38.25 13.44 -12.33
N ASP B 25 -37.48 13.56 -13.40
CA ASP B 25 -37.87 13.10 -14.73
C ASP B 25 -37.72 11.59 -14.92
N LYS B 26 -36.49 11.10 -14.79
CA LYS B 26 -36.08 9.76 -15.29
C LYS B 26 -36.47 8.58 -14.38
N PRO B 27 -36.59 7.36 -14.95
CA PRO B 27 -36.63 6.17 -14.08
C PRO B 27 -35.33 5.97 -13.33
N ASN B 28 -35.42 5.69 -12.03
CA ASN B 28 -34.27 5.44 -11.18
C ASN B 28 -33.79 3.99 -11.15
N VAL B 29 -32.59 3.78 -11.65
CA VAL B 29 -31.97 2.48 -11.64
C VAL B 29 -31.03 2.35 -10.43
N LEU B 30 -31.18 1.23 -9.73
CA LEU B 30 -30.45 0.95 -8.52
C LEU B 30 -29.55 -0.29 -8.77
N ILE B 31 -28.24 -0.04 -8.77
CA ILE B 31 -27.24 -1.07 -9.01
C ILE B 31 -26.60 -1.54 -7.71
N LEU B 32 -26.57 -2.85 -7.51
CA LEU B 32 -26.01 -3.40 -6.31
C LEU B 32 -24.71 -4.10 -6.65
N GLY B 33 -23.61 -3.53 -6.20
CA GLY B 33 -22.29 -4.09 -6.45
C GLY B 33 -21.40 -3.08 -7.14
N SER B 34 -20.10 -3.30 -7.03
CA SER B 34 -19.08 -2.50 -7.72
C SER B 34 -18.14 -3.40 -8.52
N GLY B 35 -18.61 -4.60 -8.82
CA GLY B 35 -17.78 -5.60 -9.43
C GLY B 35 -17.82 -5.57 -10.93
N TRP B 36 -17.62 -6.73 -11.53
CA TRP B 36 -17.72 -6.85 -12.97
C TRP B 36 -19.11 -6.48 -13.41
N GLY B 37 -20.07 -7.29 -12.99
CA GLY B 37 -21.48 -7.11 -13.31
C GLY B 37 -21.89 -5.64 -13.26
N ALA B 38 -21.64 -5.01 -12.12
CA ALA B 38 -22.14 -3.67 -11.89
C ALA B 38 -21.33 -2.57 -12.62
N ILE B 39 -20.07 -2.80 -12.96
CA ILE B 39 -19.28 -1.74 -13.62
C ILE B 39 -19.21 -1.90 -15.13
N SER B 40 -19.19 -3.12 -15.65
CA SER B 40 -19.48 -3.33 -17.07
C SER B 40 -20.77 -2.59 -17.47
N PHE B 41 -21.77 -2.70 -16.60
CA PHE B 41 -23.06 -2.06 -16.78
C PHE B 41 -22.93 -0.55 -16.90
N LEU B 42 -22.30 0.03 -15.90
CA LEU B 42 -22.09 1.47 -15.86
C LEU B 42 -21.38 2.00 -17.11
N LYS B 43 -20.38 1.28 -17.59
CA LYS B 43 -19.61 1.74 -18.74
C LYS B 43 -20.47 2.06 -19.96
N HIS B 44 -21.62 1.38 -20.07
CA HIS B 44 -22.44 1.43 -21.29
C HIS B 44 -23.75 2.20 -21.15
N ILE B 45 -24.48 1.96 -20.06
CA ILE B 45 -25.80 2.59 -19.81
C ILE B 45 -25.92 4.12 -20.06
N ASP B 46 -27.09 4.55 -20.57
CA ASP B 46 -27.39 5.99 -20.80
C ASP B 46 -28.00 6.69 -19.59
N THR B 47 -27.16 7.52 -18.97
CA THR B 47 -27.50 8.21 -17.73
C THR B 47 -28.36 9.44 -17.99
N LYS B 48 -28.68 9.71 -19.25
CA LYS B 48 -29.58 10.80 -19.58
C LYS B 48 -31.02 10.41 -19.33
N LYS B 49 -31.50 9.40 -20.04
CA LYS B 49 -32.86 8.89 -19.81
C LYS B 49 -33.03 8.08 -18.51
N TYR B 50 -31.93 7.85 -17.78
CA TYR B 50 -31.94 7.13 -16.51
C TYR B 50 -31.10 7.83 -15.49
N ASN B 51 -31.60 7.94 -14.27
CA ASN B 51 -30.72 8.30 -13.16
C ASN B 51 -30.18 7.02 -12.54
N VAL B 52 -28.98 7.09 -11.96
CA VAL B 52 -28.25 5.89 -11.55
C VAL B 52 -27.68 5.96 -10.16
N SER B 53 -28.11 5.01 -9.31
CA SER B 53 -27.57 4.82 -7.96
C SER B 53 -26.90 3.44 -7.78
N ILE B 54 -25.68 3.47 -7.26
CA ILE B 54 -24.84 2.28 -7.07
C ILE B 54 -24.71 2.04 -5.57
N ILE B 55 -25.03 0.82 -5.14
CA ILE B 55 -24.92 0.43 -3.73
C ILE B 55 -23.79 -0.57 -3.57
N SER B 56 -22.71 -0.16 -2.93
CA SER B 56 -21.64 -1.11 -2.72
C SER B 56 -20.83 -0.73 -1.52
N PRO B 57 -20.42 -1.74 -0.75
CA PRO B 57 -19.50 -1.52 0.34
C PRO B 57 -18.13 -1.13 -0.19
N ARG B 58 -17.85 -1.54 -1.42
CA ARG B 58 -16.53 -1.41 -2.00
C ARG B 58 -16.55 -0.25 -2.94
N SER B 59 -15.75 0.77 -2.65
CA SER B 59 -15.75 1.97 -3.48
C SER B 59 -14.92 1.77 -4.71
N TYR B 60 -14.09 0.74 -4.75
CA TYR B 60 -13.33 0.46 -5.96
C TYR B 60 -14.02 -0.62 -6.75
N PHE B 61 -13.45 -0.92 -7.91
CA PHE B 61 -13.83 -2.11 -8.67
C PHE B 61 -12.60 -3.00 -8.69
N LEU B 62 -12.79 -4.30 -8.51
CA LEU B 62 -11.68 -5.22 -8.38
C LEU B 62 -11.43 -6.02 -9.66
N PHE B 63 -10.21 -5.86 -10.23
CA PHE B 63 -9.80 -6.54 -11.47
C PHE B 63 -9.38 -7.97 -11.18
N THR B 64 -10.38 -8.78 -10.99
CA THR B 64 -10.19 -10.09 -10.46
C THR B 64 -9.04 -10.92 -11.03
N PRO B 65 -8.93 -11.03 -12.37
CA PRO B 65 -8.05 -12.10 -12.87
C PRO B 65 -6.63 -11.96 -12.40
N LEU B 66 -6.20 -10.71 -12.20
CA LEU B 66 -4.86 -10.45 -11.67
C LEU B 66 -4.75 -10.38 -10.12
N LEU B 67 -5.77 -10.86 -9.40
CA LEU B 67 -5.80 -10.73 -7.95
C LEU B 67 -4.62 -11.50 -7.38
N PRO B 68 -4.53 -12.82 -7.69
CA PRO B 68 -3.55 -13.69 -7.05
C PRO B 68 -2.09 -13.29 -7.22
N SER B 69 -1.83 -12.27 -8.03
CA SER B 69 -0.47 -11.84 -8.27
C SER B 69 -0.09 -10.75 -7.31
N ALA B 70 -1.01 -10.41 -6.41
CA ALA B 70 -0.79 -9.34 -5.44
C ALA B 70 -0.20 -9.77 -4.10
N PRO B 71 -0.66 -10.87 -3.51
CA PRO B 71 -0.02 -11.25 -2.27
C PRO B 71 1.49 -11.19 -2.35
N VAL B 72 2.05 -11.57 -3.50
CA VAL B 72 3.51 -11.58 -3.69
C VAL B 72 3.94 -10.31 -4.33
N GLY B 73 2.98 -9.57 -4.87
CA GLY B 73 3.25 -8.24 -5.42
C GLY B 73 4.02 -8.34 -6.72
N THR B 74 3.57 -9.25 -7.56
CA THR B 74 3.92 -9.22 -8.95
C THR B 74 3.20 -7.98 -9.47
N VAL B 75 1.96 -7.81 -9.01
CA VAL B 75 1.23 -6.56 -9.12
C VAL B 75 1.14 -5.94 -7.73
N ASP B 76 1.10 -4.60 -7.64
CA ASP B 76 0.79 -3.96 -6.36
C ASP B 76 -0.69 -3.87 -6.19
N GLU B 77 -1.17 -4.14 -4.97
CA GLU B 77 -2.64 -4.28 -4.72
C GLU B 77 -3.43 -3.09 -5.21
N LYS B 78 -2.76 -1.93 -5.32
CA LYS B 78 -3.39 -0.72 -5.81
C LYS B 78 -3.51 -0.75 -7.32
N SER B 79 -2.47 -1.26 -7.98
CA SER B 79 -2.44 -1.32 -9.46
C SER B 79 -3.65 -1.98 -10.11
N ILE B 80 -4.53 -2.64 -9.34
CA ILE B 80 -5.67 -3.35 -9.94
C ILE B 80 -7.07 -2.98 -9.40
N ILE B 81 -7.12 -1.99 -8.51
CA ILE B 81 -8.41 -1.41 -8.08
C ILE B 81 -8.69 -0.21 -8.98
N GLU B 82 -9.91 0.30 -8.91
CA GLU B 82 -10.25 1.62 -9.48
C GLU B 82 -11.45 2.15 -8.73
N PRO B 83 -11.32 3.34 -8.13
CA PRO B 83 -12.49 3.87 -7.49
C PRO B 83 -13.62 4.07 -8.49
N ILE B 84 -14.83 3.85 -7.99
CA ILE B 84 -16.00 3.78 -8.81
C ILE B 84 -16.05 5.12 -9.48
N VAL B 85 -16.17 6.16 -8.67
CA VAL B 85 -16.15 7.56 -9.11
C VAL B 85 -15.47 7.84 -10.49
N ASN B 86 -14.23 7.38 -10.69
CA ASN B 86 -13.52 7.55 -11.97
C ASN B 86 -14.17 6.98 -13.19
N PHE B 87 -15.25 6.25 -12.98
CA PHE B 87 -16.10 5.85 -14.05
C PHE B 87 -17.26 6.81 -14.21
N ALA B 88 -17.88 7.22 -13.10
CA ALA B 88 -19.01 8.18 -13.16
C ALA B 88 -18.58 9.56 -13.74
N LEU B 89 -17.28 9.86 -13.60
CA LEU B 89 -16.62 11.01 -14.26
C LEU B 89 -16.42 10.77 -15.74
N LYS B 90 -16.79 9.59 -16.21
CA LYS B 90 -16.83 9.31 -17.61
C LYS B 90 -18.29 9.33 -18.08
N LYS B 91 -19.23 8.92 -17.23
CA LYS B 91 -20.65 8.91 -17.59
C LYS B 91 -21.25 10.31 -17.69
N LYS B 92 -22.26 10.45 -18.55
CA LYS B 92 -22.80 11.76 -18.94
C LYS B 92 -23.63 12.36 -17.82
N GLY B 93 -24.74 11.70 -17.50
CA GLY B 93 -25.67 12.21 -16.48
C GLY B 93 -25.20 12.07 -15.04
N ASN B 94 -26.20 11.96 -14.15
CA ASN B 94 -25.95 11.92 -12.71
C ASN B 94 -25.75 10.49 -12.23
N VAL B 95 -24.70 10.29 -11.47
CA VAL B 95 -24.45 8.98 -10.86
C VAL B 95 -24.21 9.19 -9.36
N THR B 96 -24.58 8.21 -8.57
CA THR B 96 -24.52 8.36 -7.11
C THR B 96 -24.15 7.06 -6.40
N TYR B 97 -22.99 7.07 -5.77
CA TYR B 97 -22.53 5.90 -5.08
C TYR B 97 -22.61 6.10 -3.57
N TYR B 98 -23.40 5.25 -2.90
CA TYR B 98 -23.36 5.07 -1.43
C TYR B 98 -22.31 4.02 -0.95
N GLU B 99 -21.52 4.37 0.06
CA GLU B 99 -20.52 3.45 0.58
C GLU B 99 -21.15 2.50 1.60
N ALA B 100 -22.27 1.85 1.25
CA ALA B 100 -23.03 0.95 2.16
C ALA B 100 -23.27 -0.42 1.53
N GLU B 101 -23.93 -1.34 2.25
CA GLU B 101 -24.21 -2.66 1.66
C GLU B 101 -25.66 -3.15 1.78
N ALA B 102 -26.22 -3.58 0.64
CA ALA B 102 -27.57 -4.13 0.55
C ALA B 102 -27.78 -5.25 1.53
N THR B 103 -28.75 -5.11 2.42
CA THR B 103 -28.95 -6.05 3.53
C THR B 103 -30.11 -6.99 3.27
N SER B 104 -31.23 -6.41 2.89
CA SER B 104 -32.41 -7.17 2.50
C SER B 104 -33.07 -6.50 1.29
N ILE B 105 -33.71 -7.31 0.46
CA ILE B 105 -34.45 -6.78 -0.68
C ILE B 105 -35.96 -7.00 -0.41
N ASN B 106 -36.73 -5.96 -0.72
CA ASN B 106 -38.15 -5.86 -0.38
C ASN B 106 -38.95 -5.61 -1.66
N PRO B 107 -39.23 -6.69 -2.40
CA PRO B 107 -39.67 -6.56 -3.80
C PRO B 107 -40.90 -5.70 -3.99
N ASP B 108 -41.98 -6.06 -3.29
CA ASP B 108 -43.31 -5.48 -3.49
C ASP B 108 -43.44 -4.12 -2.82
N ARG B 109 -42.69 -3.91 -1.74
CA ARG B 109 -42.54 -2.56 -1.18
C ARG B 109 -41.52 -1.72 -1.99
N ASN B 110 -40.82 -2.39 -2.91
CA ASN B 110 -39.84 -1.77 -3.82
C ASN B 110 -38.79 -0.94 -3.11
N THR B 111 -38.06 -1.62 -2.22
CA THR B 111 -36.94 -1.03 -1.49
C THR B 111 -35.81 -2.03 -1.22
N VAL B 112 -34.59 -1.52 -1.17
CA VAL B 112 -33.41 -2.31 -0.87
C VAL B 112 -32.61 -1.61 0.20
N THR B 113 -32.88 -1.99 1.45
CA THR B 113 -32.23 -1.40 2.63
C THR B 113 -30.68 -1.44 2.63
N ILE B 114 -30.07 -0.56 3.41
CA ILE B 114 -28.63 -0.48 3.52
C ILE B 114 -28.21 -0.20 4.96
N LYS B 115 -27.22 -0.96 5.42
CA LYS B 115 -26.53 -0.63 6.65
C LYS B 115 -25.03 -0.66 6.34
N SER B 116 -24.51 0.52 6.09
CA SER B 116 -23.08 0.74 5.99
C SER B 116 -22.47 0.26 7.29
N LEU B 117 -21.21 -0.15 7.31
CA LEU B 117 -20.48 -0.37 8.61
C LEU B 117 -19.78 0.94 9.08
N SER B 118 -20.26 2.08 8.56
CA SER B 118 -20.12 3.38 9.22
C SER B 118 -21.35 4.26 8.87
N ALA B 119 -22.10 4.65 9.92
CA ALA B 119 -23.35 5.40 9.78
C ALA B 119 -23.33 6.77 10.49
N PRO B 137 -35.49 5.64 7.80
CA PRO B 137 -35.77 4.19 7.83
C PRO B 137 -34.64 3.34 7.20
N ALA B 138 -33.53 4.01 6.87
CA ALA B 138 -32.36 3.47 6.13
C ALA B 138 -32.72 2.58 4.92
N GLU B 139 -33.77 2.95 4.19
CA GLU B 139 -34.20 2.25 2.97
C GLU B 139 -33.88 3.03 1.69
N ILE B 140 -33.84 2.34 0.55
CA ILE B 140 -33.70 3.00 -0.76
C ILE B 140 -34.78 2.60 -1.79
N LYS B 141 -35.20 3.59 -2.58
CA LYS B 141 -36.23 3.45 -3.63
C LYS B 141 -35.61 2.98 -4.95
N TYR B 142 -36.41 2.26 -5.74
CA TYR B 142 -35.97 1.92 -7.07
C TYR B 142 -37.12 1.68 -8.05
N ASP B 143 -37.06 2.42 -9.15
CA ASP B 143 -37.83 2.08 -10.35
C ASP B 143 -37.31 0.74 -10.93
N TYR B 144 -36.00 0.67 -11.23
CA TYR B 144 -35.38 -0.59 -11.70
C TYR B 144 -34.16 -1.02 -10.84
N LEU B 145 -34.00 -2.33 -10.63
CA LEU B 145 -32.90 -2.89 -9.82
C LEU B 145 -31.95 -3.78 -10.61
N ILE B 146 -30.68 -3.40 -10.62
CA ILE B 146 -29.66 -4.24 -11.20
C ILE B 146 -28.81 -4.83 -10.06
N SER B 147 -29.06 -6.13 -9.85
CA SER B 147 -28.55 -6.90 -8.73
C SER B 147 -27.27 -7.65 -9.16
N ALA B 148 -26.11 -7.14 -8.76
CA ALA B 148 -24.81 -7.72 -9.15
C ALA B 148 -23.86 -7.72 -7.97
N VAL B 149 -24.30 -8.30 -6.84
CA VAL B 149 -23.53 -8.29 -5.59
C VAL B 149 -22.42 -9.36 -5.56
N GLY B 150 -22.58 -10.43 -6.33
CA GLY B 150 -21.56 -11.45 -6.39
C GLY B 150 -21.96 -12.64 -5.55
N ALA B 151 -21.11 -13.64 -5.57
CA ALA B 151 -21.16 -14.76 -4.64
C ALA B 151 -19.92 -14.71 -3.71
N GLU B 152 -20.04 -15.34 -2.56
CA GLU B 152 -18.93 -15.45 -1.63
C GLU B 152 -18.28 -16.80 -1.81
N PRO B 153 -17.04 -16.92 -1.36
CA PRO B 153 -16.45 -18.23 -1.41
C PRO B 153 -17.21 -19.28 -0.56
N ASN B 154 -16.94 -20.56 -0.83
CA ASN B 154 -17.68 -21.64 -0.23
C ASN B 154 -16.78 -22.61 0.48
N THR B 155 -17.06 -22.76 1.78
CA THR B 155 -16.44 -23.78 2.64
C THR B 155 -17.08 -25.18 2.46
N PHE B 156 -18.34 -25.24 2.04
CA PHE B 156 -19.06 -26.50 1.98
C PHE B 156 -19.12 -27.05 3.39
N GLY B 157 -19.25 -26.16 4.36
CA GLY B 157 -19.26 -26.61 5.75
C GLY B 157 -18.01 -27.30 6.27
N ILE B 158 -17.02 -27.50 5.45
CA ILE B 158 -15.83 -28.11 5.94
C ILE B 158 -15.41 -27.23 7.07
N PRO B 159 -14.67 -27.75 8.02
CA PRO B 159 -14.47 -27.03 9.27
C PRO B 159 -13.19 -26.26 9.49
N GLY B 160 -13.36 -25.04 9.95
CA GLY B 160 -12.28 -24.21 10.39
C GLY B 160 -11.77 -23.32 9.31
N VAL B 161 -12.18 -23.60 8.10
CA VAL B 161 -11.65 -22.92 6.98
C VAL B 161 -11.92 -21.48 7.23
N THR B 162 -13.05 -21.21 7.83
CA THR B 162 -13.36 -19.87 8.14
C THR B 162 -12.31 -19.42 9.09
N ASP B 163 -11.99 -20.25 10.06
CA ASP B 163 -10.99 -19.92 11.05
C ASP B 163 -9.53 -19.86 10.64
N TYR B 164 -9.07 -20.85 9.90
CA TYR B 164 -7.65 -20.97 9.60
C TYR B 164 -7.31 -20.67 8.15
N GLY B 165 -8.34 -20.47 7.32
CA GLY B 165 -8.13 -20.35 5.90
C GLY B 165 -8.04 -18.92 5.44
N HIS B 166 -7.31 -18.72 4.34
CA HIS B 166 -7.40 -17.50 3.55
C HIS B 166 -8.04 -17.72 2.19
N PHE B 167 -9.23 -17.12 2.06
CA PHE B 167 -9.87 -16.90 0.78
C PHE B 167 -9.05 -15.90 -0.05
N LEU B 168 -9.40 -15.83 -1.33
CA LEU B 168 -8.65 -15.02 -2.26
C LEU B 168 -9.68 -14.42 -3.24
N LYS B 169 -10.30 -13.33 -2.76
CA LYS B 169 -11.58 -12.84 -3.26
C LYS B 169 -11.55 -11.34 -3.29
N GLU B 170 -10.90 -10.74 -2.30
CA GLU B 170 -10.81 -9.29 -2.21
C GLU B 170 -9.36 -8.84 -2.02
N ILE B 171 -9.13 -7.55 -2.09
CA ILE B 171 -7.80 -7.05 -1.87
C ILE B 171 -7.30 -7.44 -0.48
N PRO B 172 -8.16 -7.38 0.54
CA PRO B 172 -7.73 -7.75 1.87
C PRO B 172 -7.25 -9.15 1.88
N ASN B 173 -8.08 -10.03 1.32
CA ASN B 173 -7.68 -11.38 1.27
C ASN B 173 -6.22 -11.41 0.84
N SER B 174 -5.84 -10.52 -0.07
CA SER B 174 -4.47 -10.49 -0.51
C SER B 174 -3.57 -10.13 0.62
N LEU B 175 -3.70 -8.93 1.12
CA LEU B 175 -2.75 -8.44 2.11
C LEU B 175 -2.48 -9.51 3.13
N GLU B 176 -3.59 -10.01 3.69
CA GLU B 176 -3.56 -11.09 4.69
C GLU B 176 -2.58 -12.19 4.32
N ILE B 177 -2.81 -12.82 3.19
CA ILE B 177 -1.99 -13.94 2.78
C ILE B 177 -0.51 -13.63 2.69
N ARG B 178 -0.15 -12.43 2.28
CA ARG B 178 1.25 -12.04 2.38
C ARG B 178 1.65 -12.09 3.85
N ARG B 179 1.14 -11.15 4.62
CA ARG B 179 1.44 -11.10 6.03
C ARG B 179 1.59 -12.46 6.59
N THR B 180 0.56 -13.27 6.45
CA THR B 180 0.64 -14.60 6.94
C THR B 180 1.96 -15.20 6.43
N PHE B 181 2.05 -15.52 5.14
CA PHE B 181 3.19 -16.28 4.66
C PHE B 181 4.50 -15.54 4.92
N ALA B 182 4.47 -14.22 4.84
CA ALA B 182 5.63 -13.37 5.14
C ALA B 182 6.18 -13.58 6.54
N ALA B 183 5.27 -13.55 7.50
CA ALA B 183 5.58 -13.81 8.90
C ALA B 183 6.04 -15.23 9.13
N ASN B 184 5.35 -16.19 8.53
CA ASN B 184 5.86 -17.53 8.60
C ASN B 184 7.30 -17.56 8.16
N LEU B 185 7.60 -16.92 7.04
CA LEU B 185 8.98 -16.89 6.56
C LEU B 185 9.91 -16.45 7.68
N GLU B 186 9.46 -15.44 8.43
CA GLU B 186 10.20 -14.82 9.56
C GLU B 186 10.54 -15.76 10.70
N LYS B 187 9.47 -16.33 11.29
CA LYS B 187 9.55 -17.25 12.41
C LYS B 187 10.38 -18.44 12.04
N ALA B 188 10.21 -18.89 10.82
CA ALA B 188 10.95 -20.04 10.37
C ALA B 188 12.45 -19.79 10.20
N ASN B 189 12.84 -18.59 9.86
CA ASN B 189 14.24 -18.36 9.66
C ASN B 189 14.85 -18.71 10.95
N LEU B 190 14.16 -18.39 12.03
CA LEU B 190 14.72 -18.61 13.34
C LEU B 190 14.51 -20.04 13.74
N LEU B 191 15.09 -20.95 12.97
CA LEU B 191 15.05 -22.34 13.35
C LEU B 191 16.25 -23.01 12.82
N PRO B 192 16.64 -24.08 13.48
CA PRO B 192 17.69 -24.95 13.01
C PRO B 192 17.12 -25.73 11.88
N LYS B 193 17.91 -25.94 10.86
CA LYS B 193 17.38 -26.26 9.58
C LYS B 193 16.54 -27.44 9.84
N GLY B 194 17.01 -28.28 10.71
CA GLY B 194 16.38 -29.56 10.85
C GLY B 194 14.96 -29.33 11.23
N ASP B 195 14.71 -28.37 12.10
CA ASP B 195 13.47 -28.50 12.78
C ASP B 195 12.47 -28.65 11.69
N PRO B 196 11.60 -29.62 11.85
CA PRO B 196 10.54 -29.88 10.90
C PRO B 196 9.54 -28.76 10.92
N GLU B 197 9.26 -28.26 12.09
CA GLU B 197 8.23 -27.29 12.10
C GLU B 197 8.68 -26.20 11.21
N ARG B 198 9.85 -25.66 11.44
CA ARG B 198 10.30 -24.70 10.46
C ARG B 198 9.84 -25.19 9.09
N ARG B 199 10.18 -26.42 8.74
CA ARG B 199 9.76 -26.99 7.46
C ARG B 199 8.24 -26.84 7.20
N ARG B 200 7.43 -26.87 8.26
CA ARG B 200 5.97 -26.79 8.16
C ARG B 200 5.53 -25.40 7.95
N LEU B 201 6.01 -24.52 8.80
CA LEU B 201 5.74 -23.12 8.58
C LEU B 201 5.85 -22.87 7.07
N LEU B 202 6.81 -23.53 6.42
CA LEU B 202 7.09 -23.28 5.01
C LEU B 202 6.19 -24.04 4.02
N SER B 203 5.32 -24.91 4.51
CA SER B 203 4.38 -25.63 3.67
C SER B 203 3.34 -24.65 3.22
N ILE B 204 2.93 -24.68 1.95
CA ILE B 204 1.77 -23.88 1.52
C ILE B 204 0.70 -24.64 0.77
N VAL B 205 -0.51 -24.61 1.29
CA VAL B 205 -1.60 -25.35 0.67
C VAL B 205 -2.63 -24.42 0.06
N VAL B 206 -2.78 -24.58 -1.25
CA VAL B 206 -3.83 -23.95 -2.01
C VAL B 206 -4.87 -25.04 -2.18
N VAL B 207 -6.11 -24.73 -1.92
CA VAL B 207 -7.16 -25.63 -2.27
C VAL B 207 -7.92 -25.04 -3.43
N GLY B 208 -8.05 -25.80 -4.49
CA GLY B 208 -8.74 -25.40 -5.70
C GLY B 208 -7.86 -25.58 -6.88
N GLY B 209 -8.44 -25.94 -8.01
CA GLY B 209 -7.67 -26.27 -9.19
C GLY B 209 -7.88 -25.35 -10.35
N GLY B 210 -8.91 -24.53 -10.24
CA GLY B 210 -9.34 -23.63 -11.27
C GLY B 210 -8.30 -22.55 -11.34
N PRO B 211 -8.36 -21.72 -12.34
CA PRO B 211 -7.25 -20.87 -12.70
C PRO B 211 -6.78 -19.99 -11.55
N THR B 212 -7.66 -19.67 -10.63
CA THR B 212 -7.26 -18.93 -9.43
C THR B 212 -6.26 -19.71 -8.57
N GLY B 213 -6.76 -20.79 -7.96
CA GLY B 213 -5.91 -21.66 -7.16
C GLY B 213 -4.60 -21.96 -7.85
N VAL B 214 -4.70 -22.35 -9.12
CA VAL B 214 -3.50 -22.65 -9.89
C VAL B 214 -2.59 -21.44 -9.97
N GLU B 215 -3.18 -20.30 -10.29
CA GLU B 215 -2.42 -19.09 -10.45
C GLU B 215 -1.73 -18.72 -9.17
N ALA B 216 -2.51 -18.73 -8.08
CA ALA B 216 -1.98 -18.50 -6.73
C ALA B 216 -0.77 -19.40 -6.58
N ALA B 217 -1.01 -20.68 -6.35
CA ALA B 217 0.05 -21.65 -6.26
C ALA B 217 1.20 -21.19 -7.14
N GLY B 218 0.89 -20.93 -8.39
CA GLY B 218 1.89 -20.45 -9.33
C GLY B 218 2.67 -19.26 -8.83
N GLU B 219 1.99 -18.13 -8.66
CA GLU B 219 2.66 -16.89 -8.26
C GLU B 219 3.49 -17.05 -6.97
N LEU B 220 2.97 -17.80 -6.03
CA LEU B 220 3.68 -18.02 -4.77
C LEU B 220 5.07 -18.49 -5.12
N GLN B 221 5.13 -19.62 -5.83
CA GLN B 221 6.39 -20.29 -6.15
C GLN B 221 7.34 -19.34 -6.81
N ASP B 222 6.83 -18.65 -7.82
CA ASP B 222 7.63 -17.68 -8.56
C ASP B 222 8.37 -16.76 -7.64
N TYR B 223 7.69 -16.23 -6.63
CA TYR B 223 8.41 -15.53 -5.59
C TYR B 223 9.53 -16.42 -5.08
N VAL B 224 9.14 -17.54 -4.49
CA VAL B 224 10.09 -18.35 -3.77
C VAL B 224 11.26 -18.62 -4.68
N HIS B 225 11.00 -19.25 -5.82
CA HIS B 225 12.05 -19.47 -6.81
C HIS B 225 12.74 -18.15 -7.07
N GLN B 226 11.99 -17.24 -7.69
CA GLN B 226 12.59 -16.10 -8.37
C GLN B 226 13.11 -15.10 -7.35
N ASP B 227 12.34 -14.85 -6.32
CA ASP B 227 12.66 -13.75 -5.43
C ASP B 227 13.29 -14.16 -4.11
N LEU B 228 12.68 -15.10 -3.42
CA LEU B 228 13.11 -15.41 -2.06
C LEU B 228 14.54 -15.87 -1.99
N ARG B 229 14.84 -17.00 -2.65
CA ARG B 229 16.19 -17.59 -2.64
C ARG B 229 17.30 -16.56 -2.83
N LYS B 230 17.02 -15.50 -3.59
CA LYS B 230 18.00 -14.48 -3.92
C LYS B 230 18.74 -13.91 -2.72
N PHE B 231 18.15 -14.05 -1.53
CA PHE B 231 18.79 -13.56 -0.29
C PHE B 231 18.58 -14.41 0.96
N LEU B 232 17.73 -15.43 0.86
CA LEU B 232 17.50 -16.40 1.93
C LEU B 232 17.42 -17.80 1.30
N PRO B 233 18.45 -18.13 0.52
CA PRO B 233 18.40 -19.34 -0.29
C PRO B 233 18.05 -20.56 0.55
N ALA B 234 18.65 -20.63 1.74
CA ALA B 234 18.43 -21.73 2.67
C ALA B 234 16.97 -22.16 2.70
N LEU B 235 16.13 -21.18 3.04
CA LEU B 235 14.71 -21.39 3.30
C LEU B 235 13.90 -21.83 2.09
N ALA B 236 14.13 -21.15 0.99
CA ALA B 236 13.47 -21.51 -0.25
C ALA B 236 13.43 -23.02 -0.27
N GLU B 237 14.63 -23.62 -0.26
CA GLU B 237 14.80 -25.05 -0.40
C GLU B 237 13.65 -25.83 0.31
N GLU B 238 13.31 -25.44 1.54
CA GLU B 238 12.37 -26.22 2.37
C GLU B 238 10.90 -25.84 2.20
N VAL B 239 10.64 -24.75 1.48
CA VAL B 239 9.27 -24.39 1.21
C VAL B 239 8.60 -25.43 0.34
N GLN B 240 7.38 -25.77 0.70
CA GLN B 240 6.59 -26.70 -0.08
C GLN B 240 5.28 -26.01 -0.46
N ILE B 241 4.82 -26.23 -1.69
CA ILE B 241 3.50 -25.74 -2.10
C ILE B 241 2.60 -26.88 -2.59
N HIS B 242 1.74 -27.36 -1.71
CA HIS B 242 0.75 -28.34 -2.13
C HIS B 242 -0.47 -27.67 -2.80
N LEU B 243 -0.96 -28.29 -3.85
CA LEU B 243 -2.21 -27.91 -4.49
C LEU B 243 -3.21 -29.04 -4.45
N VAL B 244 -4.22 -28.89 -3.61
CA VAL B 244 -5.24 -29.92 -3.41
C VAL B 244 -6.42 -29.71 -4.33
N GLU B 245 -7.06 -30.81 -4.74
CA GLU B 245 -8.18 -30.73 -5.68
C GLU B 245 -9.02 -32.00 -5.71
N ALA B 246 -10.33 -31.83 -5.50
CA ALA B 246 -11.30 -32.93 -5.49
C ALA B 246 -11.36 -33.70 -6.81
N LEU B 247 -11.20 -32.95 -7.91
CA LEU B 247 -11.35 -33.48 -9.26
C LEU B 247 -10.09 -34.09 -9.88
N PRO B 248 -10.31 -35.08 -10.75
CA PRO B 248 -9.33 -35.75 -11.58
C PRO B 248 -8.15 -34.91 -12.02
N ILE B 249 -8.36 -33.90 -12.87
CA ILE B 249 -7.26 -33.03 -13.28
C ILE B 249 -7.62 -31.60 -13.01
N VAL B 250 -6.58 -30.77 -12.98
CA VAL B 250 -6.72 -29.33 -12.80
C VAL B 250 -7.46 -28.62 -13.93
N LEU B 251 -7.79 -27.36 -13.70
CA LEU B 251 -8.34 -26.49 -14.76
C LEU B 251 -9.36 -27.22 -15.64
N ASN B 252 -10.30 -27.90 -15.00
CA ASN B 252 -11.12 -28.84 -15.75
C ASN B 252 -11.51 -28.21 -17.07
N MET B 253 -11.94 -26.96 -17.08
CA MET B 253 -12.56 -26.34 -18.28
C MET B 253 -11.72 -26.21 -19.58
N PHE B 254 -10.68 -27.02 -19.74
CA PHE B 254 -9.87 -27.03 -20.98
C PHE B 254 -9.89 -28.39 -21.69
N GLU B 255 -9.23 -28.47 -22.85
CA GLU B 255 -8.97 -29.77 -23.46
C GLU B 255 -7.89 -30.51 -22.62
N LYS B 256 -7.92 -31.83 -22.64
CA LYS B 256 -7.04 -32.63 -21.80
C LYS B 256 -5.57 -32.32 -22.03
N LYS B 257 -5.21 -32.04 -23.27
CA LYS B 257 -3.80 -31.77 -23.62
C LYS B 257 -3.14 -30.79 -22.65
N LEU B 258 -3.86 -29.69 -22.38
CA LEU B 258 -3.34 -28.58 -21.56
C LEU B 258 -3.46 -28.90 -20.06
N SER B 259 -4.69 -29.20 -19.61
CA SER B 259 -4.99 -29.54 -18.20
C SER B 259 -4.18 -30.73 -17.67
N SER B 260 -3.56 -31.45 -18.59
CA SER B 260 -2.42 -32.28 -18.26
C SER B 260 -1.23 -31.34 -18.24
N TYR B 261 -0.73 -30.95 -19.41
CA TYR B 261 0.50 -30.14 -19.45
C TYR B 261 0.55 -29.16 -18.29
N ALA B 262 -0.59 -28.51 -18.03
CA ALA B 262 -0.75 -27.64 -16.87
C ALA B 262 -0.17 -28.32 -15.67
N GLN B 263 -0.83 -29.40 -15.28
CA GLN B 263 -0.31 -30.31 -14.28
C GLN B 263 1.20 -30.60 -14.45
N SER B 264 1.62 -31.03 -15.64
CA SER B 264 3.04 -31.31 -15.90
C SER B 264 3.84 -30.12 -15.43
N HIS B 265 3.64 -29.00 -16.11
CA HIS B 265 4.52 -27.88 -15.89
C HIS B 265 4.50 -27.41 -14.45
N LEU B 266 3.34 -27.47 -13.83
CA LEU B 266 3.27 -27.11 -12.41
C LEU B 266 4.31 -27.90 -11.63
N GLU B 267 4.32 -29.22 -11.86
CA GLU B 267 5.19 -30.11 -11.10
C GLU B 267 6.65 -29.86 -11.45
N ASN B 268 6.93 -29.45 -12.69
CA ASN B 268 8.26 -28.90 -13.00
C ASN B 268 8.68 -27.94 -11.91
N THR B 269 7.81 -26.99 -11.61
CA THR B 269 8.19 -25.88 -10.74
C THR B 269 8.19 -26.26 -9.27
N SER B 270 8.52 -27.51 -8.98
N SER B 270 8.45 -27.53 -8.97
CA SER B 270 8.53 -28.04 -7.63
CA SER B 270 8.56 -27.98 -7.60
C SER B 270 7.24 -27.74 -6.90
C SER B 270 7.24 -27.76 -6.87
N ILE B 271 6.14 -28.21 -7.46
CA ILE B 271 4.81 -28.06 -6.83
C ILE B 271 4.20 -29.44 -6.64
N LYS B 272 3.73 -29.69 -5.43
CA LYS B 272 3.29 -31.03 -5.06
C LYS B 272 1.76 -31.16 -5.16
N VAL B 273 1.30 -31.63 -6.32
CA VAL B 273 -0.10 -31.54 -6.68
C VAL B 273 -0.86 -32.75 -6.20
N HIS B 274 -2.07 -32.53 -5.68
CA HIS B 274 -2.85 -33.57 -5.01
C HIS B 274 -4.21 -33.73 -5.60
N LEU B 275 -4.27 -34.52 -6.67
CA LEU B 275 -5.50 -34.70 -7.42
C LEU B 275 -6.53 -35.61 -6.78
N ARG B 276 -7.76 -35.55 -7.31
CA ARG B 276 -8.89 -36.34 -6.82
C ARG B 276 -9.04 -36.28 -5.31
N THR B 277 -8.57 -35.18 -4.74
CA THR B 277 -8.46 -35.03 -3.31
C THR B 277 -9.43 -34.04 -2.71
N ALA B 278 -10.09 -34.47 -1.65
CA ALA B 278 -11.02 -33.63 -0.94
C ALA B 278 -10.35 -33.16 0.34
N VAL B 279 -10.63 -31.94 0.79
CA VAL B 279 -10.36 -31.61 2.18
C VAL B 279 -11.55 -31.98 3.03
N ALA B 280 -11.30 -32.68 4.13
CA ALA B 280 -12.36 -33.02 5.07
C ALA B 280 -12.38 -32.04 6.23
N LYS B 281 -11.22 -31.66 6.71
CA LYS B 281 -11.13 -30.82 7.89
C LYS B 281 -9.83 -30.04 7.89
N VAL B 282 -9.84 -28.88 8.53
CA VAL B 282 -8.68 -28.03 8.54
C VAL B 282 -8.36 -27.67 9.98
N GLU B 283 -7.40 -28.42 10.54
CA GLU B 283 -6.84 -28.12 11.85
C GLU B 283 -5.98 -26.86 11.72
N GLU B 284 -5.44 -26.40 12.84
CA GLU B 284 -4.59 -25.20 12.94
C GLU B 284 -3.34 -25.25 12.03
N LYS B 285 -2.52 -26.27 12.22
CA LYS B 285 -1.24 -26.38 11.51
C LYS B 285 -1.32 -27.42 10.41
N GLN B 286 -2.45 -28.10 10.32
CA GLN B 286 -2.56 -29.23 9.43
C GLN B 286 -4.00 -29.47 9.05
N LEU B 287 -4.16 -29.96 7.83
CA LEU B 287 -5.46 -30.16 7.27
C LEU B 287 -5.62 -31.58 6.81
N LEU B 288 -6.72 -32.15 7.27
CA LEU B 288 -7.05 -33.54 7.12
C LEU B 288 -7.71 -33.78 5.75
N ALA B 289 -7.01 -34.53 4.89
CA ALA B 289 -7.40 -34.75 3.48
C ALA B 289 -7.70 -36.24 3.09
N LYS B 290 -8.91 -36.47 2.56
CA LYS B 290 -9.35 -37.77 2.04
C LYS B 290 -9.09 -37.88 0.56
N THR B 291 -8.04 -38.63 0.21
CA THR B 291 -7.77 -38.94 -1.17
C THR B 291 -8.49 -40.24 -1.53
N LYS B 292 -9.16 -40.21 -2.70
CA LYS B 292 -10.05 -41.27 -3.18
C LYS B 292 -9.57 -41.63 -4.59
N HIS B 293 -9.20 -42.89 -4.81
CA HIS B 293 -8.61 -43.33 -6.09
C HIS B 293 -9.58 -43.94 -7.11
N GLU B 294 -9.29 -43.70 -8.39
CA GLU B 294 -9.98 -44.33 -9.54
C GLU B 294 -10.53 -45.75 -9.28
N ASP B 295 -9.69 -46.55 -8.64
CA ASP B 295 -10.00 -47.94 -8.27
C ASP B 295 -11.07 -48.05 -7.17
N GLY B 296 -11.33 -46.93 -6.48
CA GLY B 296 -12.45 -46.83 -5.52
C GLY B 296 -12.04 -46.77 -4.05
N LYS B 297 -10.74 -46.62 -3.77
CA LYS B 297 -10.18 -46.73 -2.40
C LYS B 297 -10.03 -45.38 -1.64
N ILE B 298 -10.90 -45.16 -0.65
CA ILE B 298 -10.76 -44.02 0.27
C ILE B 298 -9.48 -44.12 1.12
N THR B 299 -8.41 -43.45 0.65
CA THR B 299 -7.23 -43.24 1.50
C THR B 299 -7.40 -41.94 2.23
N GLU B 300 -6.33 -41.55 2.90
CA GLU B 300 -6.33 -40.35 3.65
C GLU B 300 -4.91 -39.90 3.73
N GLU B 301 -4.76 -38.65 4.08
CA GLU B 301 -3.45 -38.15 4.38
C GLU B 301 -3.66 -36.93 5.19
N THR B 302 -2.77 -36.69 6.13
CA THR B 302 -2.69 -35.41 6.77
C THR B 302 -1.68 -34.66 5.98
N ILE B 303 -2.06 -33.45 5.56
CA ILE B 303 -1.10 -32.47 5.03
C ILE B 303 -0.98 -31.31 6.02
N PRO B 304 0.25 -31.00 6.42
CA PRO B 304 0.52 -29.86 7.28
C PRO B 304 0.75 -28.61 6.46
N TYR B 305 0.39 -27.45 7.01
CA TYR B 305 0.51 -26.20 6.27
C TYR B 305 0.94 -25.03 7.13
N GLY B 306 1.59 -24.08 6.50
CA GLY B 306 1.93 -22.82 7.16
C GLY B 306 0.92 -21.76 6.79
N THR B 307 0.51 -21.78 5.53
CA THR B 307 -0.39 -20.78 4.96
C THR B 307 -1.43 -21.58 4.21
N LEU B 308 -2.71 -21.24 4.33
CA LEU B 308 -3.75 -22.00 3.65
C LEU B 308 -4.62 -21.14 2.80
N ILE B 309 -4.53 -21.33 1.50
CA ILE B 309 -5.34 -20.59 0.55
C ILE B 309 -6.46 -21.46 -0.01
N TRP B 310 -7.65 -20.87 -0.12
CA TRP B 310 -8.88 -21.64 -0.42
C TRP B 310 -9.56 -21.02 -1.60
N ALA B 311 -9.17 -21.53 -2.75
CA ALA B 311 -9.57 -20.97 -3.99
C ALA B 311 -10.70 -21.83 -4.52
N THR B 312 -11.68 -22.10 -3.67
CA THR B 312 -12.81 -22.89 -4.12
C THR B 312 -14.18 -22.50 -3.63
N GLY B 313 -15.09 -22.62 -4.56
CA GLY B 313 -16.50 -22.56 -4.27
C GLY B 313 -17.00 -21.13 -4.38
N ASN B 314 -18.23 -20.99 -4.86
N ASN B 314 -18.23 -21.02 -4.87
CA ASN B 314 -18.95 -19.73 -4.78
CA ASN B 314 -18.98 -19.77 -4.86
C ASN B 314 -20.42 -19.98 -4.50
C ASN B 314 -20.44 -20.02 -4.51
N LYS B 315 -20.74 -19.98 -3.22
CA LYS B 315 -22.10 -19.96 -2.71
C LYS B 315 -22.58 -18.49 -2.56
N ALA B 316 -23.89 -18.23 -2.56
CA ALA B 316 -24.42 -16.86 -2.67
C ALA B 316 -24.87 -16.25 -1.35
N ARG B 317 -24.89 -14.91 -1.35
CA ARG B 317 -24.99 -14.08 -0.14
C ARG B 317 -26.38 -14.08 0.44
N PRO B 318 -26.49 -13.72 1.74
CA PRO B 318 -27.81 -13.60 2.38
C PRO B 318 -28.81 -12.75 1.57
N VAL B 319 -28.57 -11.45 1.39
CA VAL B 319 -29.40 -10.62 0.50
C VAL B 319 -30.00 -11.45 -0.61
N ILE B 320 -29.16 -12.19 -1.33
CA ILE B 320 -29.63 -12.93 -2.48
C ILE B 320 -30.50 -14.05 -2.00
N THR B 321 -30.06 -14.78 -0.97
CA THR B 321 -30.83 -15.92 -0.43
C THR B 321 -32.02 -15.52 0.49
N ASP B 322 -31.92 -14.35 1.15
CA ASP B 322 -33.08 -13.70 1.77
C ASP B 322 -34.19 -13.54 0.73
N LEU B 323 -33.82 -13.02 -0.44
CA LEU B 323 -34.79 -12.66 -1.50
C LEU B 323 -35.50 -13.86 -2.17
N PHE B 324 -35.01 -15.07 -1.93
CA PHE B 324 -35.69 -16.26 -2.37
C PHE B 324 -37.01 -16.43 -1.62
N LYS B 325 -37.02 -16.08 -0.34
CA LYS B 325 -38.21 -16.22 0.50
C LYS B 325 -39.31 -15.25 0.06
N LYS B 326 -38.93 -13.98 -0.07
CA LYS B 326 -39.87 -12.89 -0.38
C LYS B 326 -40.35 -12.89 -1.84
N ILE B 327 -40.15 -14.03 -2.51
CA ILE B 327 -40.63 -14.31 -3.87
C ILE B 327 -41.09 -15.79 -3.80
N PRO B 328 -42.03 -16.21 -4.67
CA PRO B 328 -42.31 -17.63 -4.79
C PRO B 328 -41.35 -18.38 -5.73
N GLU B 329 -41.07 -17.82 -6.91
CA GLU B 329 -40.38 -18.59 -7.95
C GLU B 329 -38.91 -18.93 -7.67
N GLN B 330 -38.34 -18.37 -6.61
CA GLN B 330 -36.91 -18.55 -6.31
C GLN B 330 -36.63 -19.52 -5.15
N ASN B 331 -37.67 -20.23 -4.70
CA ASN B 331 -37.60 -20.98 -3.44
C ASN B 331 -36.63 -22.13 -3.46
N SER B 332 -36.84 -23.11 -4.34
CA SER B 332 -35.86 -24.17 -4.49
C SER B 332 -34.98 -23.87 -5.72
N SER B 333 -34.51 -22.62 -5.80
CA SER B 333 -33.38 -22.26 -6.66
C SER B 333 -32.11 -22.30 -5.81
N LYS B 334 -31.13 -23.07 -6.26
CA LYS B 334 -29.87 -23.26 -5.52
C LYS B 334 -28.89 -22.13 -5.79
N ARG B 335 -28.33 -22.13 -6.99
CA ARG B 335 -27.13 -21.37 -7.30
C ARG B 335 -27.30 -19.84 -7.16
N GLY B 336 -28.53 -19.33 -7.27
CA GLY B 336 -28.78 -17.91 -7.06
C GLY B 336 -30.22 -17.49 -7.35
N LEU B 337 -30.40 -16.31 -7.94
CA LEU B 337 -31.70 -15.89 -8.45
C LEU B 337 -31.88 -16.38 -9.90
N ALA B 338 -32.91 -17.22 -10.10
CA ALA B 338 -33.31 -17.69 -11.43
C ALA B 338 -33.73 -16.52 -12.30
N VAL B 339 -33.36 -16.57 -13.57
CA VAL B 339 -33.54 -15.43 -14.46
C VAL B 339 -34.04 -15.81 -15.85
N ASN B 340 -35.14 -15.19 -16.28
CA ASN B 340 -35.61 -15.33 -17.65
C ASN B 340 -34.55 -14.83 -18.64
N ASP B 341 -34.82 -15.01 -19.94
CA ASP B 341 -33.83 -14.74 -20.97
C ASP B 341 -33.57 -13.25 -21.19
N PHE B 342 -34.39 -12.40 -20.58
CA PHE B 342 -34.17 -10.95 -20.56
C PHE B 342 -33.48 -10.52 -19.26
N LEU B 343 -33.09 -11.52 -18.45
CA LEU B 343 -32.33 -11.33 -17.21
C LEU B 343 -33.11 -10.62 -16.12
N GLN B 344 -34.43 -10.72 -16.20
CA GLN B 344 -35.31 -10.37 -15.10
C GLN B 344 -35.52 -11.63 -14.29
N VAL B 345 -35.57 -11.45 -12.97
CA VAL B 345 -35.85 -12.53 -12.05
C VAL B 345 -37.13 -13.20 -12.46
N LYS B 346 -37.11 -14.53 -12.43
CA LYS B 346 -38.34 -15.30 -12.61
C LYS B 346 -39.13 -15.12 -11.31
N GLY B 347 -40.19 -14.31 -11.38
CA GLY B 347 -41.02 -14.01 -10.23
C GLY B 347 -41.34 -12.53 -10.06
N SER B 348 -40.36 -11.66 -10.21
CA SER B 348 -40.56 -10.22 -10.05
C SER B 348 -40.35 -9.52 -11.39
N ASN B 349 -40.88 -8.31 -11.49
CA ASN B 349 -40.77 -7.53 -12.72
C ASN B 349 -39.53 -6.66 -12.72
N ASN B 350 -39.59 -5.57 -11.97
CA ASN B 350 -38.62 -4.47 -12.04
C ASN B 350 -37.21 -4.75 -11.52
N ILE B 351 -36.87 -6.04 -11.39
CA ILE B 351 -35.63 -6.48 -10.78
C ILE B 351 -34.88 -7.42 -11.72
N PHE B 352 -33.64 -7.06 -12.05
CA PHE B 352 -32.79 -7.85 -12.94
C PHE B 352 -31.53 -8.30 -12.22
N ALA B 353 -31.20 -9.61 -12.26
CA ALA B 353 -29.93 -10.16 -11.70
C ALA B 353 -28.81 -10.33 -12.77
N ILE B 354 -27.53 -10.32 -12.38
CA ILE B 354 -26.42 -10.58 -13.34
C ILE B 354 -25.18 -11.25 -12.73
N GLY B 355 -24.20 -11.55 -13.58
CA GLY B 355 -22.97 -12.21 -13.18
C GLY B 355 -23.19 -13.33 -12.18
N ASP B 356 -22.39 -13.33 -11.12
CA ASP B 356 -22.32 -14.46 -10.18
C ASP B 356 -23.63 -14.68 -9.41
N ASN B 357 -24.34 -13.61 -9.07
CA ASN B 357 -25.46 -13.77 -8.15
C ASN B 357 -26.79 -14.07 -8.82
N ALA B 358 -26.74 -14.36 -10.12
CA ALA B 358 -27.90 -14.72 -10.91
C ALA B 358 -27.70 -16.11 -11.43
N PHE B 359 -28.68 -16.98 -11.17
CA PHE B 359 -28.66 -18.38 -11.59
C PHE B 359 -28.90 -18.45 -13.09
N ALA B 360 -27.84 -18.73 -13.82
CA ALA B 360 -27.75 -18.39 -15.23
C ALA B 360 -27.70 -19.60 -16.13
N GLY B 361 -27.40 -20.78 -15.56
CA GLY B 361 -26.94 -21.92 -16.36
C GLY B 361 -25.65 -21.60 -17.10
N LEU B 362 -24.96 -20.54 -16.67
CA LEU B 362 -23.74 -20.11 -17.31
C LEU B 362 -22.58 -20.12 -16.32
N PRO B 363 -21.33 -20.20 -16.85
CA PRO B 363 -20.21 -20.20 -15.94
C PRO B 363 -20.36 -19.08 -14.90
N PRO B 364 -20.06 -19.38 -13.64
CA PRO B 364 -19.96 -18.29 -12.70
C PRO B 364 -18.60 -17.61 -12.86
N THR B 365 -18.36 -16.99 -14.02
CA THR B 365 -17.10 -16.31 -14.29
C THR B 365 -17.33 -14.83 -14.55
N ALA B 366 -16.22 -14.11 -14.66
CA ALA B 366 -16.25 -12.71 -15.01
C ALA B 366 -16.89 -12.55 -16.39
N GLN B 367 -16.27 -13.16 -17.39
CA GLN B 367 -16.58 -12.93 -18.79
C GLN B 367 -18.08 -12.92 -19.04
N VAL B 368 -18.74 -13.96 -18.54
CA VAL B 368 -20.19 -14.08 -18.60
C VAL B 368 -20.83 -12.79 -18.13
N ALA B 369 -20.53 -12.44 -16.88
CA ALA B 369 -21.11 -11.27 -16.18
C ALA B 369 -21.00 -9.97 -17.01
N HIS B 370 -19.84 -9.79 -17.63
CA HIS B 370 -19.55 -8.67 -18.52
C HIS B 370 -20.62 -8.50 -19.63
N GLN B 371 -20.74 -9.54 -20.47
CA GLN B 371 -21.71 -9.58 -21.56
C GLN B 371 -23.06 -9.49 -20.93
N GLU B 372 -23.33 -10.39 -19.96
CA GLU B 372 -24.60 -10.39 -19.17
C GLU B 372 -25.11 -9.00 -18.80
N ALA B 373 -24.20 -8.05 -18.55
CA ALA B 373 -24.56 -6.68 -18.15
C ALA B 373 -24.51 -5.67 -19.33
N GLU B 374 -23.58 -5.88 -20.26
CA GLU B 374 -23.47 -5.06 -21.49
C GLU B 374 -24.72 -5.24 -22.40
N TYR B 375 -25.26 -6.45 -22.40
CA TYR B 375 -26.51 -6.78 -23.09
C TYR B 375 -27.70 -6.14 -22.40
N LEU B 376 -27.66 -6.07 -21.08
CA LEU B 376 -28.72 -5.40 -20.35
C LEU B 376 -28.61 -3.90 -20.61
N ALA B 377 -27.37 -3.43 -20.77
CA ALA B 377 -27.11 -2.04 -21.16
C ALA B 377 -27.78 -1.77 -22.51
N LYS B 378 -27.39 -2.51 -23.56
CA LYS B 378 -28.01 -2.38 -24.89
C LYS B 378 -29.52 -2.36 -24.74
N ASN B 379 -30.07 -3.42 -24.15
CA ASN B 379 -31.52 -3.52 -23.86
C ASN B 379 -32.10 -2.29 -23.16
N PHE B 380 -31.41 -1.76 -22.17
CA PHE B 380 -31.95 -0.61 -21.45
C PHE B 380 -32.09 0.61 -22.36
N ASP B 381 -31.19 0.71 -23.35
CA ASP B 381 -31.22 1.78 -24.34
C ASP B 381 -32.54 1.73 -25.15
N LYS B 382 -32.88 0.53 -25.63
CA LYS B 382 -34.14 0.28 -26.37
C LYS B 382 -35.37 0.79 -25.59
N MET B 383 -35.64 0.16 -24.46
CA MET B 383 -36.78 0.49 -23.57
C MET B 383 -37.04 1.98 -23.33
N ALA B 384 -36.00 2.81 -23.45
CA ALA B 384 -36.10 4.26 -23.21
C ALA B 384 -37.05 4.92 -24.20
N GLN B 385 -36.96 4.48 -25.46
CA GLN B 385 -37.90 4.88 -26.53
C GLN B 385 -39.33 4.47 -26.22
N ILE B 386 -39.52 3.21 -25.87
CA ILE B 386 -40.87 2.67 -25.67
C ILE B 386 -41.72 3.54 -24.73
N PRO B 387 -43.03 3.57 -24.97
CA PRO B 387 -44.05 4.20 -24.11
C PRO B 387 -44.44 3.41 -22.84
N ASN B 388 -44.59 2.10 -22.96
CA ASN B 388 -45.03 1.27 -21.85
C ASN B 388 -44.09 1.25 -20.64
N PHE B 389 -42.87 1.76 -20.83
CA PHE B 389 -41.98 2.04 -19.72
C PHE B 389 -41.99 3.54 -19.40
N GLN B 390 -43.09 4.20 -19.76
CA GLN B 390 -43.39 5.53 -19.23
C GLN B 390 -44.60 5.43 -18.28
N LYS B 391 -45.10 4.20 -18.07
CA LYS B 391 -45.84 3.84 -16.86
C LYS B 391 -44.79 3.22 -15.91
N ASN B 392 -45.21 2.47 -14.89
CA ASN B 392 -44.28 1.82 -13.92
C ASN B 392 -43.52 2.77 -12.98
N LEU B 393 -43.79 4.08 -13.05
CA LEU B 393 -43.12 5.07 -12.21
C LEU B 393 -44.10 5.59 -11.15
N ASP B 398 -51.23 -8.76 -15.16
CA ASP B 398 -50.20 -8.59 -16.19
C ASP B 398 -48.82 -9.01 -15.66
N LYS B 399 -47.98 -9.46 -16.58
CA LYS B 399 -46.82 -10.30 -16.24
C LYS B 399 -45.49 -9.59 -16.56
N ILE B 400 -44.39 -10.24 -16.17
CA ILE B 400 -43.05 -9.64 -16.24
C ILE B 400 -42.53 -9.46 -17.69
N ASP B 401 -42.41 -10.59 -18.40
CA ASP B 401 -41.77 -10.69 -19.73
C ASP B 401 -42.69 -10.31 -20.90
N LEU B 402 -43.91 -9.87 -20.61
N LEU B 402 -43.93 -9.91 -20.58
CA LEU B 402 -44.89 -9.59 -21.67
CA LEU B 402 -44.96 -9.50 -21.54
C LEU B 402 -44.47 -8.45 -22.59
C LEU B 402 -44.45 -8.47 -22.54
N LEU B 403 -44.00 -7.32 -22.03
CA LEU B 403 -43.55 -6.19 -22.86
C LEU B 403 -42.22 -6.44 -23.57
N PHE B 404 -41.46 -7.41 -23.10
CA PHE B 404 -40.24 -7.77 -23.80
C PHE B 404 -40.55 -8.57 -25.06
N GLU B 405 -41.63 -9.34 -24.99
CA GLU B 405 -42.10 -10.08 -26.14
C GLU B 405 -43.06 -9.24 -27.02
N GLU B 406 -43.90 -8.38 -26.41
CA GLU B 406 -44.73 -7.35 -27.12
C GLU B 406 -43.88 -6.41 -28.01
N ASN B 407 -42.58 -6.29 -27.74
CA ASN B 407 -41.69 -5.44 -28.52
C ASN B 407 -40.50 -6.19 -29.09
N ASN B 408 -40.64 -7.51 -29.19
CA ASN B 408 -39.67 -8.32 -29.90
C ASN B 408 -38.27 -8.03 -29.39
N PHE B 409 -38.07 -8.25 -28.10
CA PHE B 409 -36.74 -8.17 -27.51
C PHE B 409 -36.06 -9.50 -27.75
N LYS B 410 -34.83 -9.46 -28.22
N LYS B 410 -34.81 -9.45 -28.20
CA LYS B 410 -34.02 -10.67 -28.33
CA LYS B 410 -33.99 -10.64 -28.32
C LYS B 410 -33.63 -11.09 -26.92
C LYS B 410 -33.64 -11.09 -26.89
N PRO B 411 -33.70 -12.40 -26.62
CA PRO B 411 -33.23 -12.88 -25.30
C PRO B 411 -31.70 -12.65 -25.09
N PHE B 412 -31.13 -13.00 -23.94
CA PHE B 412 -29.66 -13.05 -23.85
C PHE B 412 -29.21 -14.37 -24.45
N LYS B 413 -28.04 -14.34 -25.09
CA LYS B 413 -27.29 -15.55 -25.44
C LYS B 413 -25.79 -15.28 -25.29
N TYR B 414 -25.01 -16.35 -25.09
CA TYR B 414 -23.59 -16.25 -24.66
C TYR B 414 -22.55 -16.63 -25.76
N ASN B 415 -21.56 -15.76 -25.98
CA ASN B 415 -20.47 -15.98 -26.94
C ASN B 415 -19.09 -16.22 -26.25
N ASP B 416 -18.88 -17.47 -25.85
CA ASP B 416 -17.81 -17.92 -24.91
C ASP B 416 -16.40 -17.64 -25.45
N LEU B 417 -16.03 -16.38 -25.44
CA LEU B 417 -14.90 -15.95 -26.19
C LEU B 417 -13.61 -16.67 -25.91
N GLY B 418 -13.36 -17.09 -24.68
CA GLY B 418 -12.04 -17.60 -24.34
C GLY B 418 -11.90 -18.53 -23.15
N ALA B 419 -10.66 -18.86 -22.83
CA ALA B 419 -10.27 -19.23 -21.49
C ALA B 419 -8.78 -18.97 -21.25
N LEU B 420 -8.37 -18.71 -20.01
CA LEU B 420 -6.98 -18.37 -19.74
C LEU B 420 -6.49 -18.74 -18.35
N ALA B 421 -5.19 -19.01 -18.20
CA ALA B 421 -4.61 -19.21 -16.88
C ALA B 421 -3.11 -19.01 -16.86
N TYR B 422 -2.55 -18.71 -15.70
CA TYR B 422 -1.09 -18.58 -15.54
C TYR B 422 -0.61 -19.57 -14.51
N LEU B 423 0.62 -20.05 -14.69
CA LEU B 423 1.13 -21.20 -13.91
C LEU B 423 2.66 -21.17 -13.62
N GLY B 424 3.44 -21.75 -14.52
CA GLY B 424 4.86 -21.97 -14.29
C GLY B 424 5.69 -20.74 -13.95
N SER B 425 6.89 -21.00 -13.44
CA SER B 425 7.80 -19.95 -13.07
C SER B 425 7.60 -18.81 -14.07
N GLU B 426 7.61 -19.15 -15.36
CA GLU B 426 7.46 -18.12 -16.40
C GLU B 426 6.63 -18.63 -17.62
N ARG B 427 5.62 -19.48 -17.37
CA ARG B 427 4.85 -20.12 -18.46
C ARG B 427 3.35 -20.06 -18.29
N ALA B 428 2.62 -20.20 -19.40
CA ALA B 428 1.15 -20.18 -19.40
C ALA B 428 0.52 -20.77 -20.65
N ILE B 429 -0.80 -20.90 -20.64
CA ILE B 429 -1.56 -21.49 -21.72
C ILE B 429 -2.83 -20.70 -21.90
N ALA B 430 -3.52 -20.80 -23.03
CA ALA B 430 -4.84 -20.17 -23.11
C ALA B 430 -5.71 -20.60 -24.28
N THR B 431 -6.99 -20.27 -24.27
CA THR B 431 -7.82 -20.41 -25.47
C THR B 431 -8.70 -19.22 -25.80
N ILE B 432 -8.66 -18.75 -27.03
CA ILE B 432 -9.38 -17.55 -27.43
C ILE B 432 -10.55 -17.75 -28.38
N ARG B 433 -11.07 -18.95 -28.46
CA ARG B 433 -12.07 -19.19 -29.45
C ARG B 433 -13.42 -18.58 -29.28
N SER B 434 -13.91 -17.92 -30.30
CA SER B 434 -15.24 -17.34 -30.23
C SER B 434 -16.24 -18.15 -31.04
N GLY B 435 -17.37 -18.43 -30.43
CA GLY B 435 -18.53 -18.94 -31.13
C GLY B 435 -18.44 -20.23 -31.94
N LYS B 436 -17.68 -21.19 -31.49
CA LYS B 436 -17.70 -22.48 -32.17
C LYS B 436 -16.61 -22.57 -33.17
N ARG B 437 -16.04 -21.43 -33.50
CA ARG B 437 -14.87 -21.45 -34.32
C ARG B 437 -13.90 -21.15 -33.25
N THR B 438 -12.84 -21.92 -33.20
CA THR B 438 -11.89 -21.79 -32.14
C THR B 438 -10.64 -21.21 -32.72
N PHE B 439 -10.09 -20.21 -32.06
CA PHE B 439 -8.93 -19.54 -32.59
C PHE B 439 -7.75 -20.21 -31.97
N TYR B 440 -6.84 -19.43 -31.39
CA TYR B 440 -5.59 -20.07 -30.92
C TYR B 440 -5.78 -20.83 -29.60
N THR B 441 -4.94 -21.85 -29.40
CA THR B 441 -4.77 -22.53 -28.11
C THR B 441 -3.37 -23.17 -28.02
N GLY B 442 -2.81 -23.24 -26.81
CA GLY B 442 -1.46 -23.81 -26.60
C GLY B 442 -0.78 -23.30 -25.34
N GLY B 443 0.51 -23.65 -25.16
CA GLY B 443 1.29 -23.30 -23.97
C GLY B 443 2.60 -22.54 -24.22
N GLY B 444 3.54 -22.64 -23.28
CA GLY B 444 4.87 -22.06 -23.44
C GLY B 444 4.96 -20.57 -23.25
N LEU B 445 6.20 -20.09 -23.12
CA LEU B 445 6.52 -18.65 -23.08
C LEU B 445 5.87 -17.87 -24.23
N MET B 446 5.87 -18.50 -25.40
CA MET B 446 5.07 -18.03 -26.52
C MET B 446 3.77 -17.49 -25.92
N THR B 447 2.98 -18.40 -25.34
CA THR B 447 1.64 -18.07 -24.86
C THR B 447 1.68 -17.24 -23.59
N PHE B 448 2.78 -17.32 -22.83
CA PHE B 448 3.05 -16.39 -21.74
C PHE B 448 2.90 -14.96 -22.27
N TYR B 449 3.72 -14.60 -23.26
CA TYR B 449 3.73 -13.20 -23.65
C TYR B 449 2.33 -12.69 -23.97
N LEU B 450 1.43 -13.56 -24.43
CA LEU B 450 0.03 -13.16 -24.74
C LEU B 450 -0.79 -12.76 -23.52
N TRP B 451 -0.88 -13.70 -22.57
CA TRP B 451 -1.69 -13.56 -21.33
C TRP B 451 -1.60 -12.12 -20.83
N ARG B 452 -0.35 -11.69 -20.66
CA ARG B 452 -0.05 -10.30 -20.42
C ARG B 452 -0.95 -9.45 -21.30
N ILE B 453 -0.67 -9.50 -22.62
CA ILE B 453 -1.15 -8.53 -23.62
C ILE B 453 -2.65 -8.56 -23.62
N LEU B 454 -3.17 -9.77 -23.46
CA LEU B 454 -4.62 -9.97 -23.44
C LEU B 454 -5.26 -9.35 -22.17
N TYR B 455 -4.60 -9.55 -21.03
CA TYR B 455 -5.14 -9.13 -19.73
C TYR B 455 -5.12 -7.61 -19.58
N LEU B 456 -4.01 -6.95 -19.92
CA LEU B 456 -4.08 -5.47 -20.07
C LEU B 456 -5.21 -5.01 -20.95
N SER B 457 -5.16 -5.42 -22.23
CA SER B 457 -6.29 -5.27 -23.15
C SER B 457 -7.68 -5.29 -22.49
N MET B 458 -7.86 -6.31 -21.65
CA MET B 458 -9.17 -6.56 -20.98
C MET B 458 -9.34 -5.78 -19.64
N ILE B 459 -8.29 -5.09 -19.19
CA ILE B 459 -8.36 -4.13 -18.07
C ILE B 459 -9.27 -2.94 -18.39
N LEU B 460 -10.19 -2.59 -17.48
CA LEU B 460 -11.16 -1.48 -17.68
C LEU B 460 -10.68 -0.12 -17.18
N SER B 461 -9.44 0.24 -17.48
CA SER B 461 -8.88 1.50 -16.97
C SER B 461 -7.51 1.79 -17.56
N ALA B 462 -7.34 3.01 -18.05
CA ALA B 462 -6.07 3.41 -18.57
C ALA B 462 -5.05 3.31 -17.44
N ARG B 463 -5.29 4.09 -16.38
CA ARG B 463 -4.45 4.10 -15.18
C ARG B 463 -3.97 2.70 -14.84
N SER B 464 -4.95 1.88 -14.48
CA SER B 464 -4.76 0.51 -14.01
C SER B 464 -3.76 -0.20 -14.92
N ARG B 465 -4.04 -0.14 -16.22
CA ARG B 465 -3.23 -0.79 -17.24
C ARG B 465 -1.77 -0.35 -17.19
N LEU B 466 -1.52 0.93 -16.98
CA LEU B 466 -0.18 1.40 -16.93
C LEU B 466 0.48 0.96 -15.63
N LYS B 467 -0.20 1.27 -14.51
CA LYS B 467 0.29 0.90 -13.18
C LYS B 467 0.77 -0.54 -13.24
N VAL B 468 -0.14 -1.43 -13.61
CA VAL B 468 0.22 -2.81 -13.86
C VAL B 468 1.42 -2.88 -14.82
N PHE B 469 1.28 -2.38 -16.04
CA PHE B 469 2.40 -2.40 -16.95
C PHE B 469 3.66 -2.00 -16.19
N PHE B 470 3.62 -0.83 -15.56
CA PHE B 470 4.76 -0.37 -14.80
C PHE B 470 5.26 -1.35 -13.75
N ASP B 471 4.34 -2.08 -13.15
CA ASP B 471 4.73 -3.15 -12.25
C ASP B 471 5.63 -4.18 -12.97
N TRP B 472 5.16 -4.69 -14.12
CA TRP B 472 5.81 -5.77 -14.87
C TRP B 472 7.19 -5.37 -15.34
N ILE B 473 7.27 -4.17 -15.90
CA ILE B 473 8.51 -3.52 -16.26
C ILE B 473 9.42 -3.58 -15.06
N LYS B 474 9.07 -2.82 -14.02
CA LYS B 474 9.85 -2.73 -12.80
C LYS B 474 10.31 -4.12 -12.41
N LEU B 475 9.32 -5.00 -12.36
CA LEU B 475 9.51 -6.37 -11.93
C LEU B 475 10.62 -7.12 -12.67
N ALA B 476 10.88 -6.73 -13.93
CA ALA B 476 11.97 -7.34 -14.69
C ALA B 476 13.34 -6.99 -14.13
N PHE B 477 13.55 -5.71 -13.90
CA PHE B 477 14.86 -5.29 -13.46
C PHE B 477 15.03 -5.54 -11.94
N PHE B 478 13.96 -5.92 -11.25
CA PHE B 478 14.05 -6.15 -9.81
C PHE B 478 13.16 -7.21 -9.26
N LYS B 479 13.42 -7.52 -8.00
CA LYS B 479 12.56 -8.36 -7.20
C LYS B 479 11.14 -7.78 -7.17
N ARG B 480 10.16 -8.57 -6.70
CA ARG B 480 8.89 -8.00 -6.25
C ARG B 480 9.09 -7.49 -4.84
N ASP B 481 8.28 -6.51 -4.46
CA ASP B 481 8.24 -6.06 -3.08
C ASP B 481 7.32 -6.96 -2.28
N PHE B 482 7.83 -7.47 -1.17
CA PHE B 482 7.07 -8.33 -0.27
C PHE B 482 7.17 -7.73 1.11
N PHE B 483 6.71 -6.49 1.21
CA PHE B 483 6.71 -5.78 2.45
C PHE B 483 5.44 -6.17 3.10
N LYS B 484 5.50 -6.48 4.39
CA LYS B 484 4.36 -7.06 5.06
C LYS B 484 3.40 -6.02 5.58
N GLY B 485 3.89 -4.92 6.10
CA GLY B 485 2.96 -3.91 6.58
C GLY B 485 2.64 -2.91 5.50
N LEU B 486 2.52 -3.36 4.26
CA LEU B 486 2.49 -2.41 3.14
C LEU B 486 2.06 -3.05 1.81
#